data_4RM3
#
_entry.id   4RM3
#
_cell.length_a   58.637
_cell.length_b   95.110
_cell.length_c   95.330
_cell.angle_alpha   90.00
_cell.angle_beta   104.88
_cell.angle_gamma   90.00
#
_symmetry.space_group_name_H-M   'P 1 21 1'
#
loop_
_entity.id
_entity.type
_entity.pdbx_description
1 polymer 'Benzoate-coenzyme A ligase'
2 non-polymer '2-FUROIC ACID'
3 water water
#
_entity_poly.entity_id   1
_entity_poly.type   'polypeptide(L)'
_entity_poly.pdbx_seq_one_letter_code
;AVTPPPEKFNFAEHLLQTNRVRPDKTAFVDDISSLSFAQLEAQTRQLAAALRAIGVKREERVLLLMLDGTDWPVAFLGAI
YAGIVPVAVNTLLTADDYAYMLEHSRAQAVLVSGALHPVLKAALTKSDHEVQRVIVSRPAAPLEPGEVDFAEFVGAHAPL
EKPAATQADDPAFWLYSSGSTGRPKGVVHTHANPYWTSELYGRNTLHLREDDVCFSAAKLFFAYGLGNALTFPMTVGATT
LLMGERPTPDAVFKRWLGGVGGVKPTVFYGAPTGYAGMLAAPNLPSRDQVALRLASSAGEALPAEIGQRFQRHFGLDIVD
GIGSTEMLHIFLSNLPDRVRYGTTGWPVPGYQIELRGDGGGPVADGEPGDLYIHGPSSATMYWGNRAKSRDTFQGGWTKS
GDKYVRNDDGSYTYAGRTDDMLKVSGIYVSPFEIEATLVQHPGVLEAAVVGVADEHGLTKPKAYVVPRPGQTLSETELKT
FIKDRLAPYKYPRSTVFVAELPKTATGKIQRFKLREGVLG
;
_entity_poly.pdbx_strand_id   A,B
#
# COMPACT_ATOMS: atom_id res chain seq x y z
N ALA A 1 43.32 -5.75 15.65
CA ALA A 1 43.87 -4.42 16.03
C ALA A 1 42.75 -3.73 16.78
N VAL A 2 41.51 -4.21 16.59
CA VAL A 2 40.37 -3.64 17.29
C VAL A 2 39.82 -4.58 18.38
N THR A 3 39.70 -4.06 19.60
CA THR A 3 39.22 -4.86 20.72
C THR A 3 37.68 -4.96 20.65
N PRO A 4 37.14 -6.15 20.88
CA PRO A 4 35.66 -6.27 20.78
C PRO A 4 35.00 -5.41 21.83
N PRO A 5 33.74 -5.03 21.59
CA PRO A 5 33.04 -4.28 22.62
C PRO A 5 32.75 -5.27 23.76
N PRO A 6 32.55 -4.78 24.99
CA PRO A 6 32.24 -5.66 26.13
C PRO A 6 30.86 -6.31 25.93
N GLU A 7 30.57 -7.44 26.54
CA GLU A 7 29.23 -8.05 26.29
C GLU A 7 28.12 -7.24 26.85
N LYS A 8 28.37 -6.45 27.89
CA LYS A 8 27.39 -5.43 28.29
C LYS A 8 27.76 -4.13 27.60
N PHE A 9 26.86 -3.64 26.77
CA PHE A 9 27.25 -2.54 25.87
C PHE A 9 25.97 -1.89 25.42
N ASN A 10 25.91 -0.57 25.58
CA ASN A 10 24.84 0.17 24.91
C ASN A 10 25.51 1.15 23.97
N PHE A 11 25.20 1.06 22.67
CA PHE A 11 25.92 1.89 21.71
C PHE A 11 25.77 3.38 21.96
N ALA A 12 24.56 3.78 22.32
CA ALA A 12 24.35 5.23 22.53
C ALA A 12 25.23 5.73 23.72
N GLU A 13 25.19 5.00 24.84
CA GLU A 13 26.02 5.37 25.97
C GLU A 13 27.50 5.41 25.55
N HIS A 14 27.89 4.52 24.64
CA HIS A 14 29.30 4.44 24.18
C HIS A 14 29.69 5.70 23.46
N LEU A 15 28.81 6.17 22.56
CA LEU A 15 29.14 7.37 21.80
C LEU A 15 29.04 8.57 22.71
N LEU A 16 28.11 8.54 23.69
CA LEU A 16 28.07 9.73 24.58
C LEU A 16 29.36 9.82 25.47
N GLN A 17 29.73 8.67 26.03
CA GLN A 17 30.90 8.61 26.93
C GLN A 17 32.17 9.05 26.18
N THR A 18 32.28 8.62 24.90
CA THR A 18 33.43 8.99 24.06
C THR A 18 33.69 10.51 24.00
N ASN A 19 32.62 11.25 23.98
CA ASN A 19 32.64 12.68 23.84
C ASN A 19 32.46 13.51 25.09
N ARG A 20 32.50 12.88 26.26
CA ARG A 20 32.46 13.70 27.47
C ARG A 20 33.78 14.49 27.64
N VAL A 21 34.85 14.11 26.93
CA VAL A 21 36.08 14.91 26.89
C VAL A 21 35.89 16.26 26.17
N ARG A 22 34.90 16.31 25.29
CA ARG A 22 34.75 17.51 24.49
C ARG A 22 33.32 18.10 24.48
N PRO A 23 32.81 18.47 25.66
CA PRO A 23 31.44 18.94 25.88
C PRO A 23 31.06 20.06 24.98
N ASP A 24 32.00 20.99 24.74
CA ASP A 24 31.67 22.24 24.03
C ASP A 24 32.00 22.26 22.56
N LYS A 25 32.52 21.17 22.01
CA LYS A 25 32.73 21.13 20.56
C LYS A 25 31.39 20.91 19.86
N THR A 26 31.21 21.51 18.70
CA THR A 26 30.04 21.22 17.92
C THR A 26 30.00 19.75 17.52
N ALA A 27 28.87 19.12 17.77
CA ALA A 27 28.67 17.68 17.38
C ALA A 27 27.95 17.70 16.03
N PHE A 28 26.86 18.48 15.95
CA PHE A 28 26.01 18.55 14.78
C PHE A 28 25.51 19.95 14.51
N VAL A 29 25.54 20.31 13.26
CA VAL A 29 25.03 21.61 12.91
C VAL A 29 24.26 21.52 11.59
N ASP A 30 23.12 22.20 11.53
CA ASP A 30 22.39 22.19 10.26
C ASP A 30 22.01 23.64 9.89
N ASP A 31 21.05 23.84 8.97
CA ASP A 31 20.85 25.24 8.45
C ASP A 31 20.39 26.18 9.56
N ILE A 32 19.70 25.63 10.55
CA ILE A 32 19.03 26.49 11.56
C ILE A 32 19.41 26.22 13.01
N SER A 33 20.31 25.26 13.27
CA SER A 33 20.52 24.91 14.67
C SER A 33 21.87 24.24 14.79
N SER A 34 22.33 24.06 16.02
CA SER A 34 23.57 23.36 16.31
C SER A 34 23.48 22.77 17.70
N LEU A 35 24.19 21.66 17.87
CA LEU A 35 24.26 21.00 19.15
C LEU A 35 25.70 20.71 19.42
N SER A 36 26.18 21.17 20.58
CA SER A 36 27.45 20.69 21.05
C SER A 36 27.32 19.26 21.59
N PHE A 37 28.45 18.58 21.82
CA PHE A 37 28.38 17.25 22.37
C PHE A 37 27.59 17.24 23.70
N ALA A 38 27.77 18.25 24.54
CA ALA A 38 27.06 18.22 25.82
C ALA A 38 25.56 18.49 25.56
N GLN A 39 25.21 19.38 24.65
CA GLN A 39 23.76 19.58 24.33
C GLN A 39 23.09 18.34 23.70
N LEU A 40 23.83 17.66 22.82
CA LEU A 40 23.38 16.42 22.23
C LEU A 40 23.10 15.40 23.34
N GLU A 41 24.08 15.20 24.21
CA GLU A 41 23.89 14.32 25.36
C GLU A 41 22.62 14.58 26.18
N ALA A 42 22.45 15.85 26.55
CA ALA A 42 21.27 16.21 27.34
C ALA A 42 20.01 15.88 26.57
N GLN A 43 19.95 16.31 25.31
CA GLN A 43 18.72 16.09 24.54
C GLN A 43 18.47 14.67 24.26
N THR A 44 19.53 13.93 23.88
CA THR A 44 19.44 12.48 23.75
C THR A 44 18.82 11.72 25.00
N ARG A 45 19.30 12.06 26.17
CA ARG A 45 18.81 11.45 27.40
C ARG A 45 17.40 11.89 27.85
N GLN A 46 17.07 13.13 27.59
CA GLN A 46 15.72 13.61 27.85
C GLN A 46 14.76 12.92 26.87
N LEU A 47 15.17 12.78 25.60
CA LEU A 47 14.26 12.05 24.66
C LEU A 47 14.10 10.62 25.15
N ALA A 48 15.21 10.01 25.59
CA ALA A 48 15.11 8.59 26.09
C ALA A 48 14.05 8.51 27.21
N ALA A 49 14.07 9.54 28.10
CA ALA A 49 13.13 9.63 29.20
C ALA A 49 11.74 9.81 28.70
N ALA A 50 11.59 10.71 27.73
CA ALA A 50 10.29 11.03 27.17
C ALA A 50 9.65 9.78 26.59
N LEU A 51 10.42 9.03 25.80
CA LEU A 51 9.89 7.76 25.22
C LEU A 51 9.45 6.75 26.28
N ARG A 52 10.21 6.63 27.37
CA ARG A 52 9.83 5.71 28.44
C ARG A 52 8.58 6.20 29.16
N ALA A 53 8.43 7.53 29.31
CA ALA A 53 7.27 8.14 30.01
C ALA A 53 6.00 7.89 29.24
N ILE A 54 6.05 7.80 27.92
CA ILE A 54 4.79 7.49 27.22
C ILE A 54 4.52 5.99 27.12
N GLY A 55 5.36 5.19 27.77
CA GLY A 55 5.08 3.77 27.89
C GLY A 55 5.80 2.86 26.91
N VAL A 56 6.68 3.42 26.06
CA VAL A 56 7.47 2.54 25.17
C VAL A 56 8.48 1.79 25.99
N LYS A 57 8.53 0.48 25.77
CA LYS A 57 9.36 -0.36 26.59
C LYS A 57 10.63 -0.80 25.85
N ARG A 58 11.62 -1.22 26.63
CA ARG A 58 12.78 -1.90 26.08
C ARG A 58 12.41 -2.96 25.07
N GLU A 59 13.16 -2.96 23.96
CA GLU A 59 13.03 -3.87 22.79
C GLU A 59 11.86 -3.53 21.86
N GLU A 60 10.96 -2.60 22.26
CA GLU A 60 9.91 -2.19 21.34
C GLU A 60 10.50 -1.28 20.28
N ARG A 61 9.85 -1.23 19.13
CA ARG A 61 10.34 -0.39 18.04
C ARG A 61 9.67 0.99 18.06
N VAL A 62 10.38 1.99 17.50
CA VAL A 62 9.70 3.27 17.10
C VAL A 62 10.14 3.53 15.71
N LEU A 63 9.27 4.21 14.92
CA LEU A 63 9.64 4.57 13.49
C LEU A 63 10.35 5.91 13.49
N LEU A 64 11.50 5.96 12.83
CA LEU A 64 12.25 7.25 12.77
C LEU A 64 12.23 7.64 11.24
N LEU A 65 11.36 8.61 10.93
CA LEU A 65 11.06 9.06 9.56
C LEU A 65 11.40 10.57 9.51
N MET A 66 12.65 10.93 9.26
CA MET A 66 13.10 12.32 9.56
C MET A 66 14.13 12.72 8.55
N LEU A 67 14.01 13.96 8.08
CA LEU A 67 15.08 14.56 7.28
C LEU A 67 16.33 14.73 8.12
N ASP A 68 17.48 14.83 7.45
CA ASP A 68 18.76 15.09 8.13
C ASP A 68 18.68 16.45 8.77
N GLY A 69 19.03 16.49 10.04
CA GLY A 69 19.10 17.74 10.79
C GLY A 69 19.46 17.37 12.22
N THR A 70 19.69 18.35 13.10
CA THR A 70 20.20 18.03 14.46
C THR A 70 19.25 17.17 15.32
N ASP A 71 17.92 17.12 15.03
CA ASP A 71 17.03 16.31 15.82
C ASP A 71 17.22 14.85 15.45
N TRP A 72 17.75 14.58 14.27
CA TRP A 72 17.89 13.15 13.84
C TRP A 72 18.76 12.32 14.78
N PRO A 73 20.05 12.72 15.03
CA PRO A 73 20.79 11.87 16.02
C PRO A 73 20.21 11.90 17.42
N VAL A 74 19.56 12.98 17.83
CA VAL A 74 18.85 12.90 19.11
C VAL A 74 17.80 11.79 19.17
N ALA A 75 17.03 11.72 18.07
CA ALA A 75 15.98 10.69 17.91
C ALA A 75 16.60 9.23 18.00
N PHE A 76 17.63 9.07 17.21
CA PHE A 76 18.29 7.77 17.01
C PHE A 76 19.00 7.35 18.29
N LEU A 77 19.86 8.21 18.82
CA LEU A 77 20.57 7.87 20.06
C LEU A 77 19.64 7.82 21.27
N GLY A 78 18.63 8.67 21.31
CA GLY A 78 17.74 8.69 22.48
C GLY A 78 16.97 7.37 22.63
N ALA A 79 16.47 6.83 21.54
CA ALA A 79 15.80 5.56 21.56
C ALA A 79 16.77 4.52 22.03
N ILE A 80 17.96 4.51 21.40
CA ILE A 80 18.96 3.48 21.72
C ILE A 80 19.37 3.56 23.19
N TYR A 81 19.51 4.78 23.72
CA TYR A 81 19.93 4.95 25.09
C TYR A 81 18.89 4.29 25.97
N ALA A 82 17.61 4.44 25.63
CA ALA A 82 16.52 3.81 26.36
C ALA A 82 16.36 2.28 26.15
N GLY A 83 17.14 1.68 25.23
CA GLY A 83 16.98 0.31 24.82
C GLY A 83 15.71 0.05 24.00
N ILE A 84 15.22 1.11 23.40
CA ILE A 84 14.12 1.11 22.41
C ILE A 84 14.77 1.07 20.98
N VAL A 85 14.16 0.37 20.04
CA VAL A 85 14.79 0.05 18.74
C VAL A 85 14.22 1.00 17.67
N PRO A 86 14.98 2.05 17.30
CA PRO A 86 14.49 2.94 16.22
C PRO A 86 14.62 2.20 14.88
N VAL A 87 13.65 2.41 14.02
CA VAL A 87 13.62 1.76 12.70
C VAL A 87 13.79 3.00 11.81
N ALA A 88 15.01 3.14 11.24
CA ALA A 88 15.42 4.38 10.58
C ALA A 88 15.13 4.23 9.04
N VAL A 89 14.23 5.03 8.52
CA VAL A 89 13.73 4.72 7.17
C VAL A 89 13.89 5.87 6.18
N ASN A 90 13.98 5.44 4.89
CA ASN A 90 14.05 6.38 3.72
C ASN A 90 12.90 7.37 3.81
N THR A 91 13.20 8.65 3.49
CA THR A 91 12.16 9.69 3.56
C THR A 91 11.44 9.98 2.25
N LEU A 92 11.77 9.24 1.20
CA LEU A 92 11.17 9.38 -0.14
C LEU A 92 10.10 8.35 -0.55
N LEU A 93 9.55 7.58 0.40
CA LEU A 93 8.74 6.38 0.13
C LEU A 93 7.28 6.83 0.17
N THR A 94 6.40 5.89 -0.14
CA THR A 94 4.95 6.21 -0.23
C THR A 94 4.26 5.96 1.11
N ALA A 95 3.02 6.47 1.25
CA ALA A 95 2.25 6.11 2.44
C ALA A 95 2.04 4.61 2.56
N ASP A 96 1.88 3.96 1.44
CA ASP A 96 1.78 2.51 1.49
C ASP A 96 3.00 1.81 2.06
N ASP A 97 4.20 2.29 1.70
CA ASP A 97 5.43 1.74 2.22
C ASP A 97 5.52 1.87 3.72
N TYR A 98 5.19 3.08 4.19
CA TYR A 98 5.23 3.34 5.63
C TYR A 98 4.19 2.57 6.38
N ALA A 99 3.02 2.36 5.77
CA ALA A 99 1.90 1.58 6.44
C ALA A 99 2.37 0.18 6.66
N TYR A 100 3.08 -0.34 5.64
CA TYR A 100 3.64 -1.69 5.84
C TYR A 100 4.69 -1.68 6.98
N MET A 101 5.60 -0.72 6.95
CA MET A 101 6.67 -0.68 7.99
C MET A 101 6.06 -0.48 9.39
N LEU A 102 5.01 0.37 9.54
CA LEU A 102 4.37 0.48 10.85
C LEU A 102 3.82 -0.88 11.34
N GLU A 103 3.18 -1.65 10.44
CA GLU A 103 2.60 -2.93 10.87
C GLU A 103 3.67 -3.99 11.15
N HIS A 104 4.61 -4.06 10.21
CA HIS A 104 5.68 -5.04 10.29
C HIS A 104 6.62 -4.80 11.50
N SER A 105 6.95 -3.52 11.82
CA SER A 105 7.85 -3.19 12.93
C SER A 105 7.09 -3.25 14.27
N ARG A 106 5.75 -3.21 14.17
CA ARG A 106 4.87 -2.87 15.34
C ARG A 106 5.34 -1.62 16.09
N ALA A 107 5.65 -0.55 15.34
CA ALA A 107 6.23 0.61 15.96
C ALA A 107 5.20 1.13 16.98
N GLN A 108 5.71 1.56 18.14
CA GLN A 108 4.82 2.01 19.20
C GLN A 108 4.76 3.51 19.25
N ALA A 109 5.61 4.16 18.48
CA ALA A 109 5.66 5.66 18.41
C ALA A 109 6.34 5.99 17.12
N VAL A 110 6.09 7.21 16.64
CA VAL A 110 6.74 7.67 15.44
C VAL A 110 7.40 9.01 15.71
N LEU A 111 8.64 9.16 15.23
CA LEU A 111 9.40 10.44 15.28
C LEU A 111 9.49 10.87 13.84
N VAL A 112 8.90 12.00 13.51
CA VAL A 112 8.72 12.37 12.13
C VAL A 112 8.96 13.88 11.90
N SER A 113 9.62 14.22 10.79
CA SER A 113 9.83 15.64 10.42
C SER A 113 8.48 16.17 9.94
N GLY A 114 8.15 17.40 10.32
CA GLY A 114 6.90 17.98 9.86
C GLY A 114 6.68 17.91 8.34
N ALA A 115 7.72 18.08 7.53
CA ALA A 115 7.59 17.96 6.09
C ALA A 115 7.11 16.57 5.66
N LEU A 116 7.31 15.57 6.51
CA LEU A 116 6.86 14.19 6.20
C LEU A 116 5.59 13.83 6.96
N HIS A 117 4.98 14.79 7.68
CA HIS A 117 3.85 14.42 8.43
C HIS A 117 2.66 13.99 7.49
N PRO A 118 2.52 14.63 6.32
CA PRO A 118 1.35 14.25 5.46
C PRO A 118 1.45 12.78 4.99
N VAL A 119 2.62 12.36 4.63
CA VAL A 119 2.70 10.96 4.20
C VAL A 119 2.51 9.98 5.36
N LEU A 120 3.04 10.36 6.53
CA LEU A 120 2.89 9.58 7.76
C LEU A 120 1.42 9.46 8.10
N LYS A 121 0.72 10.61 8.03
CA LYS A 121 -0.72 10.61 8.31
C LYS A 121 -1.53 9.60 7.49
N ALA A 122 -1.29 9.61 6.21
CA ALA A 122 -1.88 8.68 5.27
C ALA A 122 -1.57 7.28 5.67
N ALA A 123 -0.32 7.05 6.11
CA ALA A 123 0.05 5.66 6.46
C ALA A 123 -0.64 5.22 7.73
N LEU A 124 -0.77 6.14 8.69
CA LEU A 124 -1.42 5.82 9.97
C LEU A 124 -2.93 5.47 9.71
N THR A 125 -3.57 6.28 8.91
CA THR A 125 -5.02 6.13 8.64
C THR A 125 -5.31 4.83 8.01
N LYS A 126 -4.41 4.40 7.12
CA LYS A 126 -4.73 3.20 6.35
C LYS A 126 -4.35 1.89 7.02
N SER A 127 -3.50 1.95 8.06
CA SER A 127 -2.96 0.69 8.52
C SER A 127 -3.47 0.20 9.87
N ASP A 128 -3.12 -1.05 10.18
CA ASP A 128 -3.48 -1.60 11.50
C ASP A 128 -2.28 -1.48 12.45
N HIS A 129 -1.95 -0.24 12.85
CA HIS A 129 -0.74 0.05 13.61
C HIS A 129 -0.98 0.13 15.06
N GLU A 130 0.14 0.18 15.79
CA GLU A 130 0.12 0.24 17.24
C GLU A 130 0.72 1.54 17.77
N VAL A 131 0.75 2.56 16.92
CA VAL A 131 1.40 3.83 17.29
C VAL A 131 0.62 4.58 18.38
N GLN A 132 1.31 4.80 19.53
CA GLN A 132 0.72 5.39 20.72
C GLN A 132 0.92 6.90 20.71
N ARG A 133 1.93 7.37 19.99
CA ARG A 133 2.24 8.81 20.00
C ARG A 133 2.99 9.14 18.73
N VAL A 134 2.68 10.32 18.18
CA VAL A 134 3.44 10.88 17.03
C VAL A 134 4.15 12.09 17.55
N ILE A 135 5.46 12.11 17.37
CA ILE A 135 6.34 13.17 17.86
C ILE A 135 6.87 13.88 16.63
N VAL A 136 6.53 15.15 16.51
CA VAL A 136 6.74 15.84 15.23
C VAL A 136 7.88 16.87 15.36
N SER A 137 9.03 16.57 14.68
CA SER A 137 10.14 17.52 14.62
C SER A 137 9.95 18.59 13.57
N ARG A 138 9.96 19.83 14.06
CA ARG A 138 9.71 21.00 13.20
C ARG A 138 8.39 20.89 12.45
N PRO A 139 7.29 20.89 13.20
CA PRO A 139 6.02 20.75 12.49
C PRO A 139 5.80 21.88 11.48
N ALA A 140 5.17 21.54 10.35
CA ALA A 140 4.87 22.41 9.21
C ALA A 140 3.37 22.70 9.09
N ALA A 141 2.58 22.07 9.95
CA ALA A 141 1.10 22.29 10.08
C ALA A 141 0.69 22.08 11.50
N PRO A 142 -0.55 22.50 11.86
CA PRO A 142 -0.99 22.32 13.20
C PRO A 142 -0.97 20.85 13.64
N LEU A 143 -0.60 20.65 14.90
CA LEU A 143 -0.51 19.37 15.50
C LEU A 143 -1.95 18.97 15.65
N GLU A 144 -2.19 17.68 15.33
CA GLU A 144 -3.41 16.97 15.65
C GLU A 144 -3.46 16.50 17.11
N PRO A 145 -4.69 16.30 17.63
CA PRO A 145 -4.89 15.91 18.99
C PRO A 145 -4.07 14.69 19.33
N GLY A 146 -3.39 14.83 20.47
CA GLY A 146 -2.46 13.81 20.90
C GLY A 146 -1.01 13.84 20.31
N GLU A 147 -0.80 14.45 19.14
CA GLU A 147 0.56 14.57 18.56
C GLU A 147 1.33 15.56 19.43
N VAL A 148 2.65 15.45 19.47
CA VAL A 148 3.41 16.43 20.26
C VAL A 148 4.58 16.94 19.48
N ASP A 149 4.94 18.21 19.71
CA ASP A 149 6.08 18.87 19.08
C ASP A 149 7.38 18.27 19.69
N PHE A 150 8.37 17.92 18.83
CA PHE A 150 9.57 17.21 19.30
C PHE A 150 10.31 17.99 20.35
N ALA A 151 10.45 19.28 20.15
CA ALA A 151 11.22 20.10 21.12
C ALA A 151 10.52 20.18 22.44
N GLU A 152 9.20 20.34 22.41
CA GLU A 152 8.42 20.35 23.65
C GLU A 152 8.52 19.03 24.40
N PHE A 153 8.43 17.91 23.68
CA PHE A 153 8.51 16.57 24.21
C PHE A 153 9.85 16.36 24.94
N VAL A 154 10.95 16.71 24.30
CA VAL A 154 12.30 16.56 24.86
C VAL A 154 12.40 17.46 26.07
N GLY A 155 11.90 18.68 25.90
CA GLY A 155 12.00 19.69 26.93
C GLY A 155 11.12 19.43 28.15
N ALA A 156 10.18 18.52 28.04
CA ALA A 156 9.26 18.28 29.17
C ALA A 156 9.82 17.26 30.11
N HIS A 157 10.91 16.58 29.73
CA HIS A 157 11.36 15.47 30.55
C HIS A 157 12.81 15.63 31.05
N ALA A 158 13.04 15.22 32.28
CA ALA A 158 14.40 15.23 32.80
C ALA A 158 15.21 14.10 32.12
N PRO A 159 16.54 14.24 32.02
CA PRO A 159 17.31 13.18 31.32
C PRO A 159 17.24 11.86 32.05
N LEU A 160 17.18 10.80 31.26
CA LEU A 160 17.16 9.47 31.81
C LEU A 160 18.48 9.26 32.54
N GLU A 161 18.44 8.67 33.73
CA GLU A 161 19.61 8.68 34.61
C GLU A 161 20.64 7.65 34.24
N LYS A 162 20.23 6.54 33.60
CA LYS A 162 21.19 5.54 33.14
C LYS A 162 20.66 4.92 31.84
N PRO A 163 21.56 4.43 31.01
CA PRO A 163 21.09 3.78 29.81
C PRO A 163 20.56 2.39 30.14
N ALA A 164 19.75 1.85 29.26
CA ALA A 164 19.29 0.49 29.30
C ALA A 164 20.43 -0.47 29.33
N ALA A 165 20.36 -1.48 30.21
CA ALA A 165 21.50 -2.37 30.37
C ALA A 165 21.47 -3.46 29.28
N THR A 166 21.83 -3.09 28.07
CA THR A 166 21.74 -3.95 26.90
C THR A 166 23.02 -4.77 26.74
N GLN A 167 22.87 -5.86 26.04
CA GLN A 167 24.01 -6.66 25.61
C GLN A 167 24.48 -6.13 24.26
N ALA A 168 25.78 -6.28 24.00
CA ALA A 168 26.34 -5.98 22.68
C ALA A 168 25.61 -6.66 21.51
N ASP A 169 25.15 -7.87 21.69
CA ASP A 169 24.46 -8.54 20.61
C ASP A 169 22.92 -8.42 20.65
N ASP A 170 22.42 -7.52 21.49
CA ASP A 170 20.96 -7.20 21.49
C ASP A 170 20.69 -6.33 20.26
N PRO A 171 19.51 -6.48 19.63
CA PRO A 171 19.09 -5.53 18.57
C PRO A 171 19.18 -4.15 19.13
N ALA A 172 19.76 -3.26 18.34
CA ALA A 172 19.81 -1.85 18.70
C ALA A 172 18.95 -1.00 17.72
N PHE A 173 18.90 -1.36 16.42
CA PHE A 173 18.14 -0.50 15.44
C PHE A 173 17.82 -1.34 14.21
N TRP A 174 16.80 -0.96 13.42
CA TRP A 174 16.61 -1.64 12.10
C TRP A 174 16.80 -0.65 10.94
N LEU A 175 17.16 -1.17 9.78
CA LEU A 175 17.02 -0.39 8.51
C LEU A 175 16.15 -1.28 7.72
N TYR A 176 15.59 -0.78 6.62
CA TYR A 176 14.87 -1.63 5.68
C TYR A 176 15.63 -1.85 4.42
N SER A 177 15.53 -3.04 3.85
CA SER A 177 16.19 -3.29 2.55
C SER A 177 15.19 -3.86 1.56
N SER A 178 15.08 -3.29 0.36
CA SER A 178 14.12 -3.81 -0.66
C SER A 178 14.74 -4.83 -1.61
N GLY A 179 13.90 -5.75 -2.08
CA GLY A 179 14.30 -6.80 -3.06
C GLY A 179 13.61 -6.47 -4.38
N SER A 180 13.84 -7.28 -5.40
CA SER A 180 13.22 -6.93 -6.70
C SER A 180 11.71 -7.15 -6.72
N THR A 181 11.20 -8.02 -5.87
CA THR A 181 9.76 -8.11 -5.64
C THR A 181 9.54 -8.14 -4.11
N GLY A 182 8.27 -7.98 -3.72
CA GLY A 182 7.91 -8.24 -2.32
C GLY A 182 8.17 -6.99 -1.45
N ARG A 183 7.82 -7.11 -0.18
CA ARG A 183 7.86 -5.92 0.74
C ARG A 183 9.30 -5.79 1.23
N PRO A 184 9.68 -4.58 1.68
CA PRO A 184 11.02 -4.39 2.27
C PRO A 184 11.29 -5.27 3.50
N LYS A 185 12.55 -5.71 3.67
CA LYS A 185 12.94 -6.57 4.74
C LYS A 185 13.51 -5.76 5.91
N GLY A 186 13.08 -6.07 7.09
CA GLY A 186 13.62 -5.40 8.28
C GLY A 186 15.01 -5.98 8.64
N VAL A 187 16.05 -5.24 8.32
CA VAL A 187 17.43 -5.65 8.65
C VAL A 187 17.71 -5.26 10.12
N VAL A 188 17.96 -6.27 10.94
CA VAL A 188 18.12 -6.08 12.38
C VAL A 188 19.60 -5.94 12.75
N HIS A 189 19.97 -4.79 13.27
CA HIS A 189 21.38 -4.56 13.69
C HIS A 189 21.57 -4.49 15.20
N THR A 190 22.69 -5.01 15.69
CA THR A 190 22.93 -5.01 17.12
C THR A 190 23.68 -3.81 17.59
N HIS A 191 23.86 -3.72 18.90
CA HIS A 191 24.63 -2.56 19.44
C HIS A 191 26.12 -2.62 19.03
N ALA A 192 26.65 -3.82 18.89
CA ALA A 192 28.06 -4.03 18.53
C ALA A 192 28.33 -3.60 17.03
N ASN A 193 27.35 -3.81 16.18
CA ASN A 193 27.57 -3.65 14.74
C ASN A 193 28.14 -2.29 14.35
N PRO A 194 27.50 -1.19 14.82
CA PRO A 194 28.07 0.07 14.39
C PRO A 194 29.37 0.41 15.13
N TYR A 195 29.64 -0.26 16.23
CA TYR A 195 30.97 -0.11 16.85
C TYR A 195 32.03 -0.71 15.88
N TRP A 196 31.73 -1.84 15.29
CA TRP A 196 32.64 -2.46 14.40
C TRP A 196 32.86 -1.69 13.08
N THR A 197 31.81 -1.13 12.52
CA THR A 197 31.98 -0.34 11.30
C THR A 197 32.79 0.94 11.60
N SER A 198 32.49 1.60 12.72
CA SER A 198 33.11 2.90 13.04
C SER A 198 34.58 2.72 13.34
N GLU A 199 34.93 1.59 13.91
CA GLU A 199 36.35 1.29 14.25
C GLU A 199 37.10 0.76 13.05
N LEU A 200 36.53 -0.25 12.38
CA LEU A 200 37.25 -0.93 11.31
C LEU A 200 37.36 -0.05 10.03
N TYR A 201 36.31 0.74 9.77
CA TYR A 201 36.25 1.59 8.57
C TYR A 201 36.46 3.08 8.94
N GLY A 202 35.52 3.66 9.69
CA GLY A 202 35.66 5.12 10.04
C GLY A 202 37.05 5.45 10.58
N ARG A 203 37.47 4.71 11.59
CA ARG A 203 38.73 5.06 12.19
C ARG A 203 39.89 4.39 11.45
N ASN A 204 39.83 3.08 11.34
CA ASN A 204 41.08 2.40 10.90
C ASN A 204 41.31 2.43 9.36
N THR A 205 40.26 2.70 8.59
CA THR A 205 40.44 2.84 7.10
C THR A 205 40.48 4.26 6.59
N LEU A 206 39.45 5.05 6.89
CA LEU A 206 39.48 6.45 6.55
C LEU A 206 40.39 7.36 7.39
N HIS A 207 40.67 6.91 8.62
CA HIS A 207 41.45 7.71 9.58
C HIS A 207 40.76 9.05 9.90
N LEU A 208 39.45 9.03 10.06
CA LEU A 208 38.74 10.22 10.57
C LEU A 208 39.32 10.61 11.93
N ARG A 209 39.25 11.91 12.24
CA ARG A 209 39.82 12.40 13.46
C ARG A 209 39.00 13.55 13.96
N GLU A 210 39.35 13.93 15.19
CA GLU A 210 38.62 14.97 15.90
C GLU A 210 38.46 16.28 15.19
N ASP A 211 39.53 16.77 14.52
CA ASP A 211 39.34 18.06 13.87
C ASP A 211 38.61 18.00 12.51
N ASP A 212 38.12 16.84 12.10
CA ASP A 212 37.40 16.74 10.88
C ASP A 212 35.99 17.41 10.95
N VAL A 213 35.54 17.90 9.81
CA VAL A 213 34.18 18.34 9.62
C VAL A 213 33.57 17.37 8.56
N CYS A 214 32.60 16.56 8.97
CA CYS A 214 32.04 15.56 8.04
C CYS A 214 30.77 16.03 7.41
N PHE A 215 30.58 15.72 6.13
CA PHE A 215 29.37 16.13 5.41
C PHE A 215 29.04 15.04 4.44
N SER A 216 27.88 14.40 4.57
CA SER A 216 27.53 13.30 3.65
C SER A 216 26.33 13.68 2.84
N ALA A 217 26.43 13.58 1.51
CA ALA A 217 25.25 13.77 0.64
C ALA A 217 24.26 12.66 0.84
N ALA A 218 24.79 11.49 1.16
CA ALA A 218 23.92 10.39 1.55
C ALA A 218 23.33 10.61 2.93
N LYS A 219 22.00 10.65 2.98
CA LYS A 219 21.24 10.78 4.18
C LYS A 219 21.50 9.77 5.29
N LEU A 220 21.17 10.22 6.50
CA LEU A 220 21.38 9.42 7.69
C LEU A 220 20.60 8.09 7.68
N PHE A 221 19.48 8.02 6.99
CA PHE A 221 18.75 6.78 6.88
C PHE A 221 19.45 5.72 6.07
N PHE A 222 20.35 6.14 5.19
CA PHE A 222 21.17 5.14 4.44
C PHE A 222 22.15 4.50 5.39
N ALA A 223 22.39 3.18 5.27
CA ALA A 223 23.47 2.62 6.05
C ALA A 223 24.78 3.47 5.81
N TYR A 224 25.06 3.80 4.56
CA TYR A 224 26.32 4.49 4.24
C TYR A 224 26.33 5.80 5.01
N GLY A 225 25.22 6.52 4.89
CA GLY A 225 25.13 7.81 5.60
C GLY A 225 25.17 7.79 7.13
N LEU A 226 24.51 6.78 7.69
CA LEU A 226 24.42 6.62 9.12
C LEU A 226 25.86 6.46 9.66
N GLY A 227 26.69 5.72 8.94
CA GLY A 227 28.12 5.72 9.32
C GLY A 227 28.81 7.08 9.12
N ASN A 228 28.70 7.63 7.94
CA ASN A 228 29.48 8.74 7.53
C ASN A 228 29.22 9.93 8.42
N ALA A 229 27.99 10.08 8.82
CA ALA A 229 27.57 11.34 9.38
C ALA A 229 26.96 11.18 10.77
N LEU A 230 27.14 10.04 11.40
CA LEU A 230 26.70 9.88 12.80
C LEU A 230 27.72 8.99 13.47
N THR A 231 27.75 7.72 13.09
CA THR A 231 28.53 6.84 13.98
C THR A 231 30.07 7.06 13.85
N PHE A 232 30.58 7.24 12.64
CA PHE A 232 32.00 7.56 12.46
C PHE A 232 32.46 8.86 13.14
N PRO A 233 31.78 10.00 12.87
CA PRO A 233 32.31 11.23 13.50
C PRO A 233 32.15 11.21 15.02
N MET A 234 31.06 10.63 15.52
CA MET A 234 30.90 10.54 16.98
CA MET A 234 30.87 10.51 16.98
C MET A 234 31.91 9.62 17.65
N THR A 235 32.39 8.62 16.89
CA THR A 235 33.49 7.82 17.37
C THR A 235 34.85 8.55 17.64
N VAL A 236 35.16 9.53 16.83
CA VAL A 236 36.41 10.25 16.97
C VAL A 236 36.27 11.70 17.42
N GLY A 237 35.04 12.19 17.62
CA GLY A 237 34.82 13.55 18.06
C GLY A 237 34.82 14.60 16.98
N ALA A 238 34.64 14.19 15.73
CA ALA A 238 34.48 15.13 14.61
C ALA A 238 33.14 15.90 14.74
N THR A 239 33.12 17.08 14.12
CA THR A 239 31.91 17.81 13.89
C THR A 239 31.25 17.40 12.56
N THR A 240 29.93 17.29 12.57
CA THR A 240 29.16 16.88 11.41
C THR A 240 28.25 17.98 10.97
N LEU A 241 28.29 18.23 9.67
CA LEU A 241 27.32 19.13 9.02
C LEU A 241 26.16 18.30 8.46
N LEU A 242 24.92 18.69 8.78
CA LEU A 242 23.74 17.99 8.27
C LEU A 242 22.97 18.96 7.42
N MET A 243 22.32 18.37 6.42
CA MET A 243 21.53 19.12 5.43
C MET A 243 20.18 18.48 5.11
N GLY A 244 19.09 19.20 5.35
CA GLY A 244 17.75 18.58 5.14
C GLY A 244 17.38 18.45 3.66
N GLU A 245 17.76 19.47 2.87
CA GLU A 245 17.33 19.50 1.48
C GLU A 245 18.00 18.45 0.56
N ARG A 246 17.40 18.30 -0.63
CA ARG A 246 17.95 17.44 -1.68
C ARG A 246 19.39 17.84 -2.02
N PRO A 247 20.31 16.87 -2.10
CA PRO A 247 21.69 17.24 -2.36
C PRO A 247 21.97 17.49 -3.86
N THR A 248 21.94 18.73 -4.30
CA THR A 248 22.27 19.00 -5.71
C THR A 248 23.72 19.52 -5.70
N PRO A 249 24.35 19.64 -6.88
CA PRO A 249 25.68 20.26 -6.89
C PRO A 249 25.68 21.63 -6.15
N ASP A 250 24.72 22.52 -6.44
CA ASP A 250 24.72 23.77 -5.73
C ASP A 250 24.59 23.73 -4.20
N ALA A 251 23.72 22.87 -3.70
CA ALA A 251 23.53 22.80 -2.23
C ALA A 251 24.83 22.27 -1.64
N VAL A 252 25.44 21.30 -2.31
CA VAL A 252 26.71 20.79 -1.77
C VAL A 252 27.85 21.82 -1.79
N PHE A 253 28.01 22.51 -2.91
CA PHE A 253 29.09 23.50 -3.01
C PHE A 253 28.95 24.61 -1.95
N LYS A 254 27.71 25.02 -1.74
CA LYS A 254 27.38 26.04 -0.75
C LYS A 254 28.02 25.67 0.60
N ARG A 255 27.81 24.41 0.99
CA ARG A 255 28.34 23.88 2.23
C ARG A 255 29.86 23.76 2.15
N TRP A 256 30.36 23.12 1.09
CA TRP A 256 31.82 22.99 0.92
C TRP A 256 32.53 24.30 1.19
N LEU A 257 31.91 25.39 0.70
CA LEU A 257 32.44 26.77 0.79
C LEU A 257 32.24 27.44 2.15
N GLY A 258 31.66 26.73 3.10
CA GLY A 258 31.51 27.24 4.46
C GLY A 258 30.28 28.12 4.60
N GLY A 259 29.29 27.87 3.75
CA GLY A 259 28.05 28.66 3.78
C GLY A 259 27.09 28.36 4.93
N VAL A 260 27.33 27.26 5.68
CA VAL A 260 26.46 26.96 6.82
C VAL A 260 27.29 26.72 8.06
N GLY A 261 26.84 27.32 9.17
CA GLY A 261 27.42 26.94 10.46
C GLY A 261 28.85 27.40 10.63
N GLY A 262 29.35 28.20 9.70
CA GLY A 262 30.68 28.70 9.79
C GLY A 262 31.77 27.63 9.67
N VAL A 263 31.40 26.47 9.11
CA VAL A 263 32.33 25.34 8.93
C VAL A 263 32.53 24.94 7.49
N LYS A 264 33.77 24.57 7.15
CA LYS A 264 34.07 23.92 5.87
C LYS A 264 34.34 22.45 6.06
N PRO A 265 33.59 21.62 5.39
CA PRO A 265 33.80 20.17 5.50
C PRO A 265 35.21 19.82 5.10
N THR A 266 35.76 18.84 5.81
CA THR A 266 37.04 18.25 5.43
C THR A 266 36.90 16.88 4.79
N VAL A 267 35.75 16.27 5.06
CA VAL A 267 35.47 14.90 4.60
C VAL A 267 34.11 14.95 3.95
N PHE A 268 34.05 14.56 2.71
CA PHE A 268 32.79 14.47 2.02
C PHE A 268 32.48 13.09 1.53
N TYR A 269 31.19 12.77 1.49
CA TYR A 269 30.79 11.44 1.10
C TYR A 269 29.58 11.56 0.19
N GLY A 270 29.54 10.67 -0.83
CA GLY A 270 28.38 10.66 -1.73
C GLY A 270 28.44 9.57 -2.77
N ALA A 271 27.37 9.47 -3.58
CA ALA A 271 27.37 8.49 -4.72
C ALA A 271 28.14 9.02 -5.94
N PRO A 272 28.71 8.10 -6.74
CA PRO A 272 29.28 8.48 -8.05
C PRO A 272 28.37 9.34 -8.91
N THR A 273 27.05 9.09 -8.91
CA THR A 273 26.15 9.97 -9.62
C THR A 273 26.34 11.43 -9.24
N GLY A 274 26.47 11.67 -7.93
CA GLY A 274 26.55 13.07 -7.39
C GLY A 274 27.88 13.65 -7.78
N TYR A 275 28.95 12.83 -7.74
CA TYR A 275 30.26 13.35 -8.11
C TYR A 275 30.28 13.72 -9.65
N ALA A 276 29.64 12.88 -10.46
CA ALA A 276 29.53 13.17 -11.92
C ALA A 276 28.80 14.46 -12.10
N GLY A 277 27.68 14.67 -11.36
CA GLY A 277 26.90 15.91 -11.43
C GLY A 277 27.69 17.15 -11.02
N MET A 278 28.48 17.03 -9.94
CA MET A 278 29.31 18.11 -9.52
C MET A 278 30.38 18.48 -10.56
N LEU A 279 31.05 17.48 -11.15
CA LEU A 279 32.16 17.74 -12.06
C LEU A 279 31.60 18.38 -13.33
N ALA A 280 30.31 18.13 -13.60
CA ALA A 280 29.57 18.71 -14.79
C ALA A 280 29.20 20.17 -14.55
N ALA A 281 29.28 20.61 -13.31
CA ALA A 281 28.62 21.84 -12.93
C ALA A 281 29.57 23.02 -13.25
N PRO A 282 29.03 24.07 -13.86
CA PRO A 282 29.90 25.07 -14.42
C PRO A 282 30.58 25.82 -13.28
N ASN A 283 29.97 25.81 -12.10
CA ASN A 283 30.60 26.47 -10.96
C ASN A 283 31.24 25.53 -9.89
N LEU A 284 31.73 24.37 -10.35
CA LEU A 284 32.57 23.52 -9.46
C LEU A 284 33.65 24.39 -8.78
N PRO A 285 33.80 24.32 -7.41
CA PRO A 285 34.84 25.18 -6.81
C PRO A 285 36.23 24.67 -7.14
N SER A 286 37.25 25.51 -6.99
CA SER A 286 38.63 25.00 -7.23
C SER A 286 39.20 24.53 -5.91
N ARG A 287 40.26 23.72 -5.90
CA ARG A 287 40.74 23.12 -4.64
C ARG A 287 41.09 24.17 -3.58
N ASP A 288 41.54 25.35 -4.02
CA ASP A 288 41.87 26.43 -3.07
C ASP A 288 40.68 27.04 -2.35
N GLN A 289 39.46 26.83 -2.84
CA GLN A 289 38.27 27.29 -2.17
C GLN A 289 37.71 26.34 -1.07
N VAL A 290 38.15 25.07 -1.08
CA VAL A 290 37.52 24.03 -0.23
C VAL A 290 38.54 23.49 0.79
N ALA A 291 38.06 22.84 1.84
CA ALA A 291 38.95 22.30 2.83
C ALA A 291 38.93 20.76 2.83
N LEU A 292 38.43 20.18 1.76
CA LEU A 292 38.32 18.76 1.64
C LEU A 292 39.71 18.11 1.69
N ARG A 293 39.84 17.06 2.49
CA ARG A 293 41.03 16.27 2.57
C ARG A 293 40.71 14.84 2.20
N LEU A 294 39.43 14.51 2.11
CA LEU A 294 39.06 13.05 1.90
C LEU A 294 37.68 13.01 1.21
N ALA A 295 37.59 12.31 0.11
CA ALA A 295 36.30 12.28 -0.64
C ALA A 295 35.99 10.81 -0.68
N SER A 296 34.88 10.41 -0.02
CA SER A 296 34.43 9.00 -0.04
C SER A 296 33.26 8.79 -1.01
N SER A 297 33.21 7.63 -1.64
CA SER A 297 32.15 7.28 -2.57
C SER A 297 31.62 5.86 -2.31
N ALA A 298 30.29 5.72 -2.37
CA ALA A 298 29.69 4.43 -2.35
C ALA A 298 28.28 4.56 -2.84
N GLY A 299 27.63 3.44 -3.12
CA GLY A 299 26.17 3.49 -3.54
C GLY A 299 26.01 3.07 -5.02
N GLU A 300 27.12 3.06 -5.76
CA GLU A 300 27.19 2.27 -7.03
C GLU A 300 28.68 2.20 -7.37
N ALA A 301 29.07 1.37 -8.35
CA ALA A 301 30.50 1.31 -8.68
C ALA A 301 30.92 2.67 -9.20
N LEU A 302 32.16 3.10 -8.88
CA LEU A 302 32.62 4.43 -9.34
C LEU A 302 33.26 4.23 -10.78
N PRO A 303 32.71 4.91 -11.83
CA PRO A 303 33.37 4.80 -13.17
C PRO A 303 34.73 5.44 -13.06
N ALA A 304 35.72 4.78 -13.65
CA ALA A 304 37.09 5.23 -13.49
C ALA A 304 37.28 6.65 -13.93
N GLU A 305 36.57 7.07 -15.00
CA GLU A 305 36.80 8.44 -15.55
C GLU A 305 36.31 9.50 -14.57
N ILE A 306 35.33 9.16 -13.73
CA ILE A 306 34.82 10.14 -12.74
C ILE A 306 35.87 10.35 -11.65
N GLY A 307 36.44 9.26 -11.14
CA GLY A 307 37.56 9.42 -10.19
C GLY A 307 38.72 10.17 -10.82
N GLN A 308 39.12 9.77 -12.04
CA GLN A 308 40.24 10.43 -12.70
C GLN A 308 40.02 11.93 -12.93
N ARG A 309 38.79 12.32 -13.32
CA ARG A 309 38.44 13.71 -13.51
C ARG A 309 38.44 14.46 -12.20
N PHE A 310 37.90 13.83 -11.14
CA PHE A 310 37.90 14.47 -9.81
C PHE A 310 39.39 14.70 -9.41
N GLN A 311 40.19 13.69 -9.59
CA GLN A 311 41.59 13.79 -9.14
C GLN A 311 42.35 14.88 -9.90
N ARG A 312 42.09 15.01 -11.18
CA ARG A 312 42.78 16.01 -12.02
C ARG A 312 42.38 17.36 -11.60
N HIS A 313 41.11 17.53 -11.22
CA HIS A 313 40.62 18.86 -10.85
C HIS A 313 41.04 19.28 -9.44
N PHE A 314 40.91 18.34 -8.48
CA PHE A 314 41.13 18.59 -7.07
C PHE A 314 42.50 18.21 -6.49
N GLY A 315 43.23 17.39 -7.18
CA GLY A 315 44.47 16.81 -6.64
C GLY A 315 44.12 15.86 -5.52
N LEU A 316 42.87 15.39 -5.47
CA LEU A 316 42.41 14.50 -4.40
C LEU A 316 41.71 13.33 -5.03
N ASP A 317 41.94 12.07 -4.58
CA ASP A 317 41.21 10.93 -5.14
C ASP A 317 39.79 10.83 -4.54
N ILE A 318 38.93 10.14 -5.28
CA ILE A 318 37.68 9.62 -4.70
C ILE A 318 37.97 8.21 -4.22
N VAL A 319 37.68 7.98 -2.94
CA VAL A 319 37.92 6.68 -2.30
C VAL A 319 36.60 5.90 -2.35
N ASP A 320 36.52 4.98 -3.31
CA ASP A 320 35.27 4.25 -3.56
C ASP A 320 35.30 2.87 -2.94
N GLY A 321 34.31 2.60 -2.08
CA GLY A 321 34.19 1.25 -1.43
C GLY A 321 32.70 0.78 -1.55
N ILE A 322 32.46 -0.48 -1.19
CA ILE A 322 31.13 -1.06 -1.32
C ILE A 322 30.77 -1.58 0.10
N GLY A 323 29.58 -1.23 0.59
CA GLY A 323 29.03 -1.94 1.74
C GLY A 323 27.61 -2.38 1.45
N SER A 324 26.90 -2.82 2.48
CA SER A 324 25.46 -3.03 2.22
C SER A 324 24.65 -2.70 3.43
N THR A 325 23.31 -2.71 3.29
CA THR A 325 22.46 -2.54 4.46
C THR A 325 22.69 -3.66 5.49
N GLU A 326 22.79 -4.88 4.97
CA GLU A 326 23.03 -6.07 5.81
C GLU A 326 24.40 -6.05 6.49
N MET A 327 25.45 -5.59 5.80
CA MET A 327 26.77 -5.49 6.48
C MET A 327 26.98 -4.18 7.20
N LEU A 328 26.01 -3.25 7.11
CA LEU A 328 26.03 -1.98 7.85
C LEU A 328 26.93 -0.92 7.23
N HIS A 329 28.15 -1.26 6.84
CA HIS A 329 28.96 -0.26 6.08
C HIS A 329 29.95 -1.01 5.19
N ILE A 330 31.03 -0.34 4.85
CA ILE A 330 31.88 -0.78 3.77
C ILE A 330 32.81 -1.92 4.23
N PHE A 331 32.91 -2.94 3.37
CA PHE A 331 33.77 -4.08 3.67
C PHE A 331 34.83 -4.34 2.62
N LEU A 332 34.75 -3.64 1.48
CA LEU A 332 35.67 -3.80 0.37
C LEU A 332 35.89 -2.36 -0.21
N SER A 333 37.14 -1.90 -0.18
CA SER A 333 37.42 -0.46 -0.42
C SER A 333 38.81 -0.14 -0.90
N ASN A 334 38.91 0.90 -1.74
CA ASN A 334 40.12 1.58 -1.90
C ASN A 334 40.51 2.25 -0.59
N LEU A 335 41.79 2.64 -0.47
CA LEU A 335 42.21 3.27 0.80
C LEU A 335 42.52 4.73 0.44
N PRO A 336 42.54 5.64 1.44
CA PRO A 336 42.84 7.02 1.14
C PRO A 336 44.18 7.19 0.46
N ASP A 337 45.17 6.32 0.70
CA ASP A 337 46.46 6.48 -0.03
C ASP A 337 46.74 5.30 -1.01
N ARG A 338 45.69 4.52 -1.30
CA ARG A 338 45.85 3.42 -2.30
C ARG A 338 44.57 3.28 -3.07
N VAL A 339 44.55 3.86 -4.28
CA VAL A 339 43.31 3.94 -5.06
C VAL A 339 43.63 3.31 -6.40
N ARG A 340 42.80 2.35 -6.82
CA ARG A 340 42.88 1.81 -8.21
C ARG A 340 41.54 1.95 -8.87
N TYR A 341 41.42 2.97 -9.71
CA TYR A 341 40.17 3.25 -10.36
C TYR A 341 39.83 2.09 -11.28
N GLY A 342 38.53 1.79 -11.38
CA GLY A 342 38.04 0.64 -12.14
C GLY A 342 37.98 -0.59 -11.25
N THR A 343 38.28 -0.39 -9.96
CA THR A 343 38.15 -1.45 -8.93
C THR A 343 37.59 -0.88 -7.66
N THR A 344 37.08 -1.78 -6.80
CA THR A 344 36.56 -1.36 -5.50
C THR A 344 37.60 -1.65 -4.39
N GLY A 345 38.86 -1.75 -4.77
CA GLY A 345 39.93 -1.93 -3.82
C GLY A 345 40.01 -3.30 -3.19
N TRP A 346 40.37 -3.30 -1.90
CA TRP A 346 40.81 -4.53 -1.23
C TRP A 346 39.88 -4.78 -0.04
N PRO A 347 39.83 -6.02 0.45
CA PRO A 347 38.99 -6.28 1.61
C PRO A 347 39.41 -5.32 2.75
N VAL A 348 38.42 -4.82 3.48
CA VAL A 348 38.68 -4.06 4.69
C VAL A 348 39.18 -4.99 5.81
N PRO A 349 40.33 -4.65 6.44
CA PRO A 349 40.83 -5.54 7.55
C PRO A 349 39.70 -5.76 8.56
N GLY A 350 39.46 -7.02 8.96
CA GLY A 350 38.36 -7.29 9.83
C GLY A 350 37.25 -8.02 9.10
N TYR A 351 37.21 -7.88 7.79
CA TYR A 351 36.22 -8.58 6.99
C TYR A 351 36.90 -9.61 6.12
N GLN A 352 36.35 -10.80 5.95
CA GLN A 352 36.86 -11.80 4.97
C GLN A 352 35.88 -11.78 3.79
N ILE A 353 36.39 -11.84 2.56
CA ILE A 353 35.58 -11.80 1.37
C ILE A 353 35.78 -13.16 0.61
N GLU A 354 34.72 -13.73 0.04
CA GLU A 354 34.84 -14.95 -0.82
C GLU A 354 34.04 -14.71 -2.07
N LEU A 355 34.55 -15.21 -3.20
CA LEU A 355 33.76 -15.32 -4.44
C LEU A 355 33.38 -16.79 -4.69
N ARG A 356 32.09 -17.04 -4.85
CA ARG A 356 31.65 -18.43 -5.02
C ARG A 356 30.99 -18.59 -6.38
N GLY A 357 31.27 -19.69 -7.07
CA GLY A 357 30.66 -19.94 -8.37
C GLY A 357 29.29 -20.63 -8.28
N ASP A 358 28.83 -21.14 -9.41
CA ASP A 358 27.48 -21.76 -9.52
C ASP A 358 27.22 -22.89 -8.52
N GLY A 359 28.24 -23.61 -8.08
CA GLY A 359 28.01 -24.64 -7.05
C GLY A 359 28.48 -24.34 -5.65
N GLY A 360 28.80 -23.08 -5.38
CA GLY A 360 29.36 -22.72 -4.08
C GLY A 360 30.90 -22.90 -3.97
N GLY A 361 31.53 -23.32 -5.05
CA GLY A 361 32.97 -23.62 -5.05
C GLY A 361 33.87 -22.42 -5.35
N PRO A 362 35.21 -22.66 -5.36
CA PRO A 362 36.17 -21.54 -5.57
C PRO A 362 36.09 -21.01 -7.01
N VAL A 363 36.44 -19.75 -7.27
CA VAL A 363 36.49 -19.34 -8.67
C VAL A 363 37.94 -18.94 -8.94
N ALA A 364 38.38 -19.17 -10.17
CA ALA A 364 39.77 -18.81 -10.55
C ALA A 364 39.89 -17.29 -10.67
N ASP A 365 41.08 -16.74 -10.38
CA ASP A 365 41.27 -15.30 -10.44
C ASP A 365 40.98 -14.81 -11.83
N GLY A 366 40.26 -13.70 -11.90
CA GLY A 366 39.86 -13.16 -13.13
C GLY A 366 38.56 -13.71 -13.66
N GLU A 367 37.95 -14.64 -12.92
CA GLU A 367 36.58 -15.09 -13.24
C GLU A 367 35.59 -14.47 -12.23
N PRO A 368 34.39 -14.18 -12.68
CA PRO A 368 33.35 -13.62 -11.76
C PRO A 368 32.79 -14.72 -10.82
N GLY A 369 32.53 -14.35 -9.57
CA GLY A 369 31.77 -15.19 -8.67
C GLY A 369 30.85 -14.29 -7.85
N ASP A 370 29.94 -14.90 -7.10
CA ASP A 370 29.06 -14.15 -6.19
C ASP A 370 29.80 -13.86 -4.89
N LEU A 371 29.59 -12.65 -4.41
CA LEU A 371 30.34 -12.15 -3.28
C LEU A 371 29.66 -12.44 -1.94
N TYR A 372 30.44 -12.99 -1.01
CA TYR A 372 29.97 -13.34 0.32
C TYR A 372 30.94 -12.68 1.27
N ILE A 373 30.39 -12.16 2.38
CA ILE A 373 31.19 -11.44 3.30
C ILE A 373 31.08 -12.05 4.71
N HIS A 374 32.23 -12.21 5.34
CA HIS A 374 32.23 -12.62 6.72
C HIS A 374 32.82 -11.50 7.55
N GLY A 375 32.00 -10.88 8.36
CA GLY A 375 32.56 -9.78 9.20
C GLY A 375 31.69 -9.51 10.41
N PRO A 376 32.20 -8.70 11.38
CA PRO A 376 31.52 -8.62 12.69
C PRO A 376 30.40 -7.59 12.79
N SER A 377 30.06 -6.94 11.69
CA SER A 377 28.95 -5.97 11.67
C SER A 377 27.72 -6.48 10.93
N SER A 378 27.70 -7.76 10.50
CA SER A 378 26.50 -8.27 9.79
C SER A 378 25.21 -8.28 10.61
N ALA A 379 24.08 -7.98 9.97
CA ALA A 379 22.79 -8.04 10.61
C ALA A 379 22.52 -9.48 11.01
N THR A 380 21.64 -9.68 12.00
CA THR A 380 21.44 -11.06 12.51
C THR A 380 20.40 -11.86 11.64
N MET A 381 19.47 -11.13 11.04
CA MET A 381 18.35 -11.75 10.32
C MET A 381 17.60 -10.60 9.66
N TYR A 382 16.63 -10.95 8.83
CA TYR A 382 15.52 -10.10 8.45
C TYR A 382 14.36 -10.45 9.40
N TRP A 383 13.83 -9.47 10.12
CA TRP A 383 12.81 -9.70 11.10
C TRP A 383 11.64 -10.37 10.50
N GLY A 384 11.21 -11.43 11.17
CA GLY A 384 9.99 -12.10 10.73
C GLY A 384 10.06 -12.72 9.30
N ASN A 385 11.27 -12.93 8.76
CA ASN A 385 11.36 -13.56 7.42
C ASN A 385 12.45 -14.62 7.37
N ARG A 386 12.10 -15.82 7.81
CA ARG A 386 13.10 -16.86 7.98
C ARG A 386 13.66 -17.39 6.69
N ALA A 387 12.83 -17.49 5.67
CA ALA A 387 13.27 -18.01 4.38
C ALA A 387 14.35 -17.06 3.81
N LYS A 388 14.01 -15.77 3.74
CA LYS A 388 15.02 -14.79 3.26
C LYS A 388 16.23 -14.68 4.14
N SER A 389 16.07 -14.76 5.49
CA SER A 389 17.20 -14.85 6.41
C SER A 389 18.13 -16.04 6.12
N ARG A 390 17.54 -17.21 5.90
CA ARG A 390 18.37 -18.38 5.54
C ARG A 390 19.13 -18.18 4.21
N ASP A 391 18.48 -17.56 3.23
CA ASP A 391 19.15 -17.36 1.95
C ASP A 391 20.27 -16.34 2.05
N THR A 392 20.13 -15.34 2.92
CA THR A 392 21.17 -14.28 2.97
C THR A 392 22.26 -14.54 4.04
N PHE A 393 21.89 -15.04 5.18
CA PHE A 393 22.85 -15.13 6.28
C PHE A 393 23.15 -16.60 6.52
N GLN A 394 24.30 -17.07 6.06
CA GLN A 394 24.60 -18.54 6.15
C GLN A 394 25.90 -18.81 6.86
N GLY A 395 25.74 -19.24 8.12
CA GLY A 395 26.83 -19.59 9.01
C GLY A 395 27.95 -18.59 9.07
N GLY A 396 27.66 -17.30 9.33
CA GLY A 396 28.75 -16.31 9.50
C GLY A 396 29.07 -15.54 8.20
N TRP A 397 28.58 -16.08 7.09
CA TRP A 397 28.71 -15.47 5.73
C TRP A 397 27.42 -14.80 5.23
N THR A 398 27.56 -13.59 4.68
CA THR A 398 26.43 -12.82 4.25
C THR A 398 26.53 -12.65 2.72
N LYS A 399 25.47 -13.05 2.01
CA LYS A 399 25.46 -13.01 0.56
C LYS A 399 25.07 -11.57 0.16
N SER A 400 25.88 -10.94 -0.70
CA SER A 400 25.63 -9.53 -1.06
C SER A 400 24.67 -9.41 -2.24
N GLY A 401 24.61 -10.40 -3.10
CA GLY A 401 23.85 -10.23 -4.35
C GLY A 401 24.65 -9.53 -5.45
N ASP A 402 25.88 -9.11 -5.14
CA ASP A 402 26.76 -8.59 -6.20
C ASP A 402 27.63 -9.75 -6.77
N LYS A 403 28.10 -9.58 -8.01
CA LYS A 403 29.23 -10.38 -8.51
C LYS A 403 30.50 -9.52 -8.63
N TYR A 404 31.67 -10.15 -8.39
CA TYR A 404 32.92 -9.46 -8.53
C TYR A 404 33.98 -10.41 -9.19
N VAL A 405 35.04 -9.80 -9.69
CA VAL A 405 36.28 -10.49 -10.15
C VAL A 405 37.43 -10.09 -9.28
N ARG A 406 38.25 -11.05 -8.88
CA ARG A 406 39.47 -10.72 -8.16
C ARG A 406 40.64 -10.61 -9.13
N ASN A 407 41.33 -9.50 -9.01
CA ASN A 407 42.47 -9.13 -9.86
C ASN A 407 43.77 -9.70 -9.31
N ASP A 408 44.81 -9.76 -10.15
CA ASP A 408 46.09 -10.33 -9.71
C ASP A 408 46.73 -9.59 -8.52
N ASP A 409 46.35 -8.34 -8.31
CA ASP A 409 46.86 -7.60 -7.17
C ASP A 409 45.96 -7.68 -5.93
N GLY A 410 44.94 -8.55 -5.99
CA GLY A 410 44.09 -8.81 -4.84
C GLY A 410 42.95 -7.79 -4.73
N SER A 411 42.93 -6.78 -5.62
CA SER A 411 41.71 -5.90 -5.74
C SER A 411 40.51 -6.62 -6.42
N TYR A 412 39.35 -5.99 -6.29
CA TYR A 412 38.08 -6.58 -6.74
C TYR A 412 37.35 -5.65 -7.72
N THR A 413 37.02 -6.17 -8.88
CA THR A 413 36.25 -5.38 -9.89
C THR A 413 34.81 -5.82 -10.04
N TYR A 414 33.89 -4.88 -9.83
CA TYR A 414 32.46 -5.20 -9.93
C TYR A 414 32.09 -5.91 -11.25
N ALA A 415 31.21 -6.90 -11.15
CA ALA A 415 30.81 -7.73 -12.28
C ALA A 415 29.27 -7.89 -12.44
N GLY A 416 28.47 -7.06 -11.81
CA GLY A 416 27.03 -7.26 -11.99
C GLY A 416 26.31 -7.72 -10.73
N ARG A 417 25.01 -7.88 -10.85
CA ARG A 417 24.20 -8.27 -9.72
C ARG A 417 23.62 -9.60 -10.01
N THR A 418 23.22 -10.29 -8.95
CA THR A 418 22.69 -11.63 -9.05
C THR A 418 21.15 -11.61 -9.10
N ASP A 419 20.54 -10.46 -8.88
CA ASP A 419 19.08 -10.41 -8.67
C ASP A 419 18.28 -9.31 -9.38
N ASP A 420 18.57 -8.99 -10.63
CA ASP A 420 17.80 -7.96 -11.37
C ASP A 420 17.71 -6.51 -10.79
N MET A 421 18.00 -6.26 -9.50
CA MET A 421 17.83 -4.88 -9.04
C MET A 421 18.85 -3.91 -9.71
N LEU A 422 18.51 -2.62 -9.81
CA LEU A 422 19.48 -1.66 -10.31
C LEU A 422 19.91 -0.76 -9.18
N LYS A 423 21.21 -0.56 -9.08
CA LYS A 423 21.64 0.32 -8.01
C LYS A 423 21.84 1.71 -8.55
N VAL A 424 20.87 2.58 -8.36
CA VAL A 424 20.86 3.83 -9.06
C VAL A 424 21.19 4.89 -8.00
N SER A 425 22.43 5.40 -8.00
CA SER A 425 22.82 6.50 -7.11
C SER A 425 22.62 6.22 -5.63
N GLY A 426 22.94 5.01 -5.19
CA GLY A 426 22.76 4.64 -3.79
C GLY A 426 21.49 3.93 -3.37
N ILE A 427 20.48 3.96 -4.23
CA ILE A 427 19.19 3.34 -3.88
C ILE A 427 18.92 2.23 -4.87
N TYR A 428 18.58 1.07 -4.32
CA TYR A 428 18.16 -0.06 -5.05
C TYR A 428 16.79 0.25 -5.68
N VAL A 429 16.65 -0.02 -6.97
CA VAL A 429 15.46 0.27 -7.80
C VAL A 429 15.09 -1.02 -8.54
N SER A 430 13.81 -1.38 -8.43
CA SER A 430 13.36 -2.64 -9.01
C SER A 430 12.86 -2.41 -10.43
N PRO A 431 13.47 -3.07 -11.43
CA PRO A 431 12.89 -2.95 -12.78
C PRO A 431 11.41 -3.41 -12.80
N PHE A 432 11.04 -4.39 -11.97
CA PHE A 432 9.71 -5.01 -12.06
C PHE A 432 8.67 -4.02 -11.56
N GLU A 433 9.08 -3.18 -10.61
CA GLU A 433 8.17 -2.15 -10.10
C GLU A 433 7.84 -1.15 -11.19
N ILE A 434 8.89 -0.74 -11.90
CA ILE A 434 8.70 0.25 -12.94
C ILE A 434 7.83 -0.35 -14.05
N GLU A 435 8.12 -1.59 -14.47
CA GLU A 435 7.26 -2.25 -15.46
C GLU A 435 5.80 -2.29 -15.00
N ALA A 436 5.58 -2.62 -13.74
CA ALA A 436 4.16 -2.73 -13.32
C ALA A 436 3.48 -1.35 -13.23
N THR A 437 4.26 -0.27 -13.02
CA THR A 437 3.68 1.07 -13.12
C THR A 437 3.33 1.48 -14.58
N LEU A 438 4.27 1.22 -15.50
CA LEU A 438 4.07 1.59 -16.89
C LEU A 438 2.82 0.90 -17.46
N VAL A 439 2.59 -0.40 -17.17
CA VAL A 439 1.44 -1.12 -17.73
C VAL A 439 0.09 -0.66 -17.19
N GLN A 440 0.09 0.17 -16.13
CA GLN A 440 -1.19 0.74 -15.70
C GLN A 440 -1.61 2.00 -16.52
N HIS A 441 -0.77 2.44 -17.44
CA HIS A 441 -1.22 3.41 -18.42
C HIS A 441 -2.01 2.70 -19.55
N PRO A 442 -3.29 3.09 -19.80
CA PRO A 442 -4.12 2.38 -20.80
C PRO A 442 -3.56 2.27 -22.17
N GLY A 443 -2.65 3.20 -22.55
CA GLY A 443 -1.95 3.17 -23.80
C GLY A 443 -0.75 2.28 -23.88
N VAL A 444 -0.39 1.59 -22.79
CA VAL A 444 0.80 0.71 -22.81
C VAL A 444 0.25 -0.72 -22.80
N LEU A 445 0.78 -1.59 -23.67
CA LEU A 445 0.43 -2.99 -23.73
C LEU A 445 1.36 -3.81 -22.87
N GLU A 446 2.67 -3.56 -23.05
CA GLU A 446 3.68 -4.35 -22.36
C GLU A 446 4.83 -3.46 -22.07
N ALA A 447 5.61 -3.81 -21.03
CA ALA A 447 6.79 -3.01 -20.74
C ALA A 447 7.92 -3.85 -20.15
N ALA A 448 9.13 -3.44 -20.47
CA ALA A 448 10.36 -4.09 -19.96
C ALA A 448 11.39 -3.06 -19.59
N VAL A 449 11.97 -3.20 -18.42
CA VAL A 449 12.95 -2.26 -17.95
C VAL A 449 14.23 -3.02 -17.64
N VAL A 450 15.33 -2.45 -18.10
CA VAL A 450 16.67 -2.96 -17.82
C VAL A 450 17.58 -1.78 -17.51
N GLY A 451 18.81 -2.08 -17.04
CA GLY A 451 19.75 -1.06 -16.69
C GLY A 451 20.54 -0.77 -17.93
N VAL A 452 20.87 0.48 -18.13
CA VAL A 452 21.76 0.84 -19.23
C VAL A 452 22.71 1.92 -18.72
N ALA A 453 23.97 1.86 -19.13
CA ALA A 453 24.89 2.89 -18.64
C ALA A 453 24.73 4.22 -19.40
N ASP A 454 24.72 5.33 -18.68
CA ASP A 454 24.61 6.66 -19.32
C ASP A 454 25.97 7.11 -19.88
N GLU A 455 26.05 8.38 -20.23
CA GLU A 455 27.28 8.87 -20.86
C GLU A 455 28.48 8.81 -19.90
N HIS A 456 28.19 8.79 -18.58
CA HIS A 456 29.22 8.70 -17.57
C HIS A 456 29.54 7.28 -17.12
N GLY A 457 28.91 6.28 -17.72
CA GLY A 457 29.10 4.91 -17.28
C GLY A 457 28.22 4.49 -16.09
N LEU A 458 27.33 5.39 -15.63
CA LEU A 458 26.45 5.08 -14.51
C LEU A 458 25.16 4.44 -14.97
N THR A 459 24.77 3.39 -14.25
CA THR A 459 23.56 2.64 -14.57
C THR A 459 22.24 3.34 -14.27
N LYS A 460 21.33 3.44 -15.27
CA LYS A 460 20.03 4.01 -14.98
C LYS A 460 19.01 3.02 -15.58
N PRO A 461 17.72 3.10 -15.15
CA PRO A 461 16.76 2.22 -15.80
C PRO A 461 16.46 2.73 -17.23
N LYS A 462 16.10 1.82 -18.16
CA LYS A 462 15.69 2.22 -19.50
C LYS A 462 14.47 1.35 -19.75
N ALA A 463 13.40 1.96 -20.28
CA ALA A 463 12.10 1.26 -20.46
C ALA A 463 11.90 0.95 -21.94
N TYR A 464 11.53 -0.29 -22.26
CA TYR A 464 11.10 -0.63 -23.59
C TYR A 464 9.61 -0.89 -23.52
N VAL A 465 8.86 -0.14 -24.30
CA VAL A 465 7.40 -0.18 -24.14
C VAL A 465 6.72 -0.56 -25.42
N VAL A 466 5.79 -1.53 -25.35
CA VAL A 466 4.98 -1.83 -26.52
C VAL A 466 3.70 -1.08 -26.35
N PRO A 467 3.42 -0.16 -27.25
CA PRO A 467 2.10 0.51 -27.07
C PRO A 467 0.87 -0.33 -27.51
N ARG A 468 -0.25 -0.09 -26.85
CA ARG A 468 -1.53 -0.69 -27.19
C ARG A 468 -2.05 -0.13 -28.53
N PRO A 469 -2.26 -1.02 -29.50
CA PRO A 469 -2.66 -0.68 -30.86
C PRO A 469 -3.82 0.33 -30.91
N GLY A 470 -4.87 0.16 -30.16
CA GLY A 470 -5.97 1.13 -30.41
C GLY A 470 -5.82 2.57 -29.88
N GLN A 471 -4.73 2.85 -29.14
CA GLN A 471 -4.54 4.18 -28.48
C GLN A 471 -3.41 4.98 -29.13
N THR A 472 -3.28 6.24 -28.65
CA THR A 472 -2.46 7.32 -29.22
C THR A 472 -1.21 7.69 -28.38
N LEU A 473 -0.88 6.98 -27.32
CA LEU A 473 0.22 7.39 -26.39
C LEU A 473 1.51 7.96 -27.00
N SER A 474 1.84 9.19 -26.64
CA SER A 474 3.08 9.85 -27.08
C SER A 474 4.13 9.73 -25.97
N GLU A 475 5.40 9.99 -26.33
CA GLU A 475 6.49 9.96 -25.35
C GLU A 475 6.26 10.95 -24.19
N THR A 476 5.78 12.15 -24.51
CA THR A 476 5.56 13.14 -23.46
C THR A 476 4.46 12.71 -22.49
N GLU A 477 3.41 12.11 -23.03
CA GLU A 477 2.27 11.73 -22.23
C GLU A 477 2.78 10.70 -21.23
N LEU A 478 3.69 9.83 -21.68
CA LEU A 478 4.20 8.77 -20.79
C LEU A 478 5.06 9.36 -19.68
N LYS A 479 5.86 10.37 -20.02
CA LYS A 479 6.68 11.10 -19.06
C LYS A 479 5.81 11.81 -17.99
N THR A 480 4.70 12.42 -18.42
CA THR A 480 3.73 13.00 -17.52
C THR A 480 3.16 11.95 -16.56
N PHE A 481 2.79 10.80 -17.10
CA PHE A 481 2.34 9.69 -16.28
C PHE A 481 3.45 9.21 -15.29
N ILE A 482 4.65 8.98 -15.79
CA ILE A 482 5.75 8.52 -14.89
C ILE A 482 5.92 9.53 -13.76
N LYS A 483 6.00 10.81 -14.13
CA LYS A 483 6.11 11.90 -13.14
C LYS A 483 5.04 11.84 -12.04
N ASP A 484 3.79 11.54 -12.41
CA ASP A 484 2.73 11.45 -11.40
C ASP A 484 2.84 10.15 -10.60
N ARG A 485 3.44 9.13 -11.22
CA ARG A 485 3.32 7.78 -10.60
C ARG A 485 4.48 7.31 -9.78
N LEU A 486 5.69 7.79 -10.08
CA LEU A 486 6.90 7.31 -9.45
C LEU A 486 7.78 8.42 -8.91
N ALA A 487 8.45 8.06 -7.80
CA ALA A 487 9.53 8.87 -7.24
C ALA A 487 10.64 9.17 -8.27
N PRO A 488 11.17 10.42 -8.28
CA PRO A 488 12.23 10.71 -9.21
C PRO A 488 13.37 9.69 -9.13
N TYR A 489 13.63 9.15 -7.94
CA TYR A 489 14.77 8.22 -7.86
C TYR A 489 14.52 6.93 -8.66
N LYS A 490 13.27 6.65 -8.98
CA LYS A 490 12.95 5.48 -9.82
C LYS A 490 12.76 5.78 -11.35
N TYR A 491 12.83 7.03 -11.79
CA TYR A 491 12.62 7.30 -13.25
C TYR A 491 13.52 6.53 -14.24
N PRO A 492 12.95 5.94 -15.32
CA PRO A 492 13.79 5.53 -16.46
C PRO A 492 14.52 6.74 -17.06
N ARG A 493 15.76 6.57 -17.45
CA ARG A 493 16.48 7.67 -18.07
C ARG A 493 15.90 7.94 -19.45
N SER A 494 15.52 6.87 -20.16
CA SER A 494 14.80 7.03 -21.42
C SER A 494 13.77 5.89 -21.57
N THR A 495 12.78 6.11 -22.44
CA THR A 495 11.78 5.08 -22.77
C THR A 495 11.77 4.95 -24.28
N VAL A 496 11.79 3.71 -24.79
CA VAL A 496 11.77 3.43 -26.27
C VAL A 496 10.45 2.70 -26.53
N PHE A 497 9.70 3.10 -27.59
CA PHE A 497 8.56 2.35 -28.05
C PHE A 497 9.09 1.32 -29.08
N VAL A 498 8.68 0.07 -28.93
CA VAL A 498 9.06 -1.00 -29.85
C VAL A 498 7.77 -1.67 -30.32
N ALA A 499 7.87 -2.57 -31.31
CA ALA A 499 6.71 -3.21 -31.90
C ALA A 499 6.37 -4.45 -31.06
N GLU A 500 7.41 -5.00 -30.46
CA GLU A 500 7.27 -6.25 -29.73
C GLU A 500 8.48 -6.42 -28.85
N LEU A 501 8.33 -7.27 -27.82
CA LEU A 501 9.47 -7.56 -26.96
C LEU A 501 9.92 -9.00 -27.22
N PRO A 502 11.22 -9.27 -27.12
CA PRO A 502 11.63 -10.72 -27.30
C PRO A 502 11.21 -11.58 -26.07
N LYS A 503 10.56 -12.74 -26.27
CA LYS A 503 10.05 -13.53 -25.13
C LYS A 503 10.22 -15.03 -25.40
N THR A 504 10.18 -15.81 -24.33
CA THR A 504 10.07 -17.30 -24.38
C THR A 504 8.61 -17.77 -24.55
N ALA A 505 8.41 -19.09 -24.66
CA ALA A 505 7.10 -19.66 -25.00
C ALA A 505 6.17 -19.46 -23.80
N THR A 506 6.74 -19.26 -22.63
CA THR A 506 5.94 -18.97 -21.50
C THR A 506 5.53 -17.48 -21.31
N GLY A 507 6.02 -16.57 -22.21
CA GLY A 507 5.85 -15.09 -22.08
C GLY A 507 6.90 -14.44 -21.25
N LYS A 508 7.93 -15.23 -20.83
CA LYS A 508 9.02 -14.58 -20.07
C LYS A 508 9.77 -13.66 -21.00
N ILE A 509 9.98 -12.41 -20.56
CA ILE A 509 10.68 -11.48 -21.43
C ILE A 509 12.17 -11.78 -21.31
N GLN A 510 12.83 -11.94 -22.45
CA GLN A 510 14.27 -12.16 -22.50
C GLN A 510 15.04 -10.81 -22.31
N ARG A 511 15.10 -10.36 -21.07
CA ARG A 511 15.59 -8.98 -20.76
C ARG A 511 17.06 -8.91 -21.17
N PHE A 512 17.73 -10.06 -21.19
CA PHE A 512 19.11 -10.05 -21.59
C PHE A 512 19.30 -9.57 -23.05
N LYS A 513 18.34 -9.87 -23.95
CA LYS A 513 18.39 -9.41 -25.36
C LYS A 513 18.29 -7.90 -25.42
N LEU A 514 17.46 -7.33 -24.55
CA LEU A 514 17.35 -5.86 -24.50
C LEU A 514 18.63 -5.21 -23.98
N ARG A 515 19.31 -5.88 -23.05
CA ARG A 515 20.62 -5.38 -22.59
C ARG A 515 21.68 -5.43 -23.71
N GLU A 516 21.57 -6.45 -24.56
CA GLU A 516 22.46 -6.60 -25.71
C GLU A 516 22.19 -5.60 -26.85
N GLY A 517 21.13 -4.77 -26.72
CA GLY A 517 20.76 -3.79 -27.73
C GLY A 517 20.07 -4.31 -29.00
N VAL A 518 19.36 -5.45 -28.91
CA VAL A 518 18.62 -6.00 -30.05
C VAL A 518 17.46 -5.08 -30.52
N VAL B 2 -39.31 -20.57 6.53
CA VAL B 2 -38.24 -21.12 5.62
C VAL B 2 -37.49 -22.28 6.33
N THR B 3 -37.26 -23.37 5.63
CA THR B 3 -36.51 -24.41 6.29
C THR B 3 -35.02 -24.18 6.28
N PRO B 4 -34.37 -24.40 7.44
CA PRO B 4 -32.89 -24.25 7.52
C PRO B 4 -32.20 -25.22 6.59
N PRO B 5 -31.00 -24.86 6.08
CA PRO B 5 -30.26 -25.78 5.21
C PRO B 5 -29.84 -26.97 6.05
N PRO B 6 -29.65 -28.14 5.41
CA PRO B 6 -29.17 -29.33 6.18
C PRO B 6 -27.73 -29.09 6.70
N GLU B 7 -27.26 -29.85 7.71
CA GLU B 7 -25.92 -29.61 8.29
C GLU B 7 -24.82 -29.86 7.28
N LYS B 8 -25.01 -30.85 6.43
CA LYS B 8 -24.05 -31.16 5.38
C LYS B 8 -24.58 -30.35 4.18
N PHE B 9 -23.83 -29.36 3.69
CA PHE B 9 -24.45 -28.39 2.69
C PHE B 9 -23.34 -27.66 1.96
N ASN B 10 -23.45 -27.64 0.63
CA ASN B 10 -22.49 -26.88 -0.19
C ASN B 10 -23.32 -25.95 -1.04
N PHE B 11 -23.18 -24.63 -0.84
CA PHE B 11 -24.09 -23.71 -1.55
C PHE B 11 -24.01 -23.71 -3.07
N ALA B 12 -22.81 -23.84 -3.65
CA ALA B 12 -22.77 -24.07 -5.13
C ALA B 12 -23.59 -25.26 -5.52
N GLU B 13 -23.33 -26.43 -4.92
CA GLU B 13 -24.10 -27.63 -5.25
C GLU B 13 -25.63 -27.37 -5.13
N HIS B 14 -26.02 -26.63 -4.10
CA HIS B 14 -27.42 -26.29 -3.90
C HIS B 14 -27.95 -25.52 -5.08
N LEU B 15 -27.25 -24.47 -5.53
CA LEU B 15 -27.72 -23.68 -6.64
C LEU B 15 -27.70 -24.49 -7.95
N LEU B 16 -26.70 -25.36 -8.14
CA LEU B 16 -26.73 -26.22 -9.38
C LEU B 16 -27.87 -27.21 -9.34
N GLN B 17 -28.07 -27.89 -8.22
CA GLN B 17 -29.19 -28.87 -8.10
C GLN B 17 -30.55 -28.23 -8.34
N THR B 18 -30.75 -27.04 -7.75
CA THR B 18 -31.97 -26.25 -7.97
C THR B 18 -32.36 -26.11 -9.43
N ASN B 19 -31.38 -26.00 -10.29
CA ASN B 19 -31.58 -25.64 -11.66
C ASN B 19 -31.47 -26.80 -12.66
N ARG B 20 -31.39 -27.99 -12.15
CA ARG B 20 -31.30 -29.15 -13.08
C ARG B 20 -32.60 -29.41 -13.78
N VAL B 21 -33.69 -28.86 -13.24
CA VAL B 21 -34.97 -28.92 -13.92
C VAL B 21 -35.01 -27.97 -15.18
N ARG B 22 -34.02 -27.09 -15.34
CA ARG B 22 -34.09 -26.13 -16.46
C ARG B 22 -32.75 -25.98 -17.18
N PRO B 23 -32.20 -27.10 -17.69
CA PRO B 23 -30.83 -27.07 -18.17
C PRO B 23 -30.68 -26.15 -19.32
N ASP B 24 -31.74 -25.94 -20.07
CA ASP B 24 -31.56 -25.19 -21.30
C ASP B 24 -31.96 -23.72 -21.21
N LYS B 25 -32.42 -23.33 -20.04
CA LYS B 25 -32.83 -21.90 -19.91
C LYS B 25 -31.51 -21.07 -19.74
N THR B 26 -31.53 -19.82 -20.20
CA THR B 26 -30.38 -18.96 -20.03
C THR B 26 -30.17 -18.62 -18.56
N ALA B 27 -28.99 -18.92 -18.04
CA ALA B 27 -28.63 -18.58 -16.63
C ALA B 27 -28.07 -17.16 -16.60
N PHE B 28 -27.07 -16.89 -17.47
CA PHE B 28 -26.31 -15.61 -17.49
C PHE B 28 -26.04 -15.22 -18.94
N VAL B 29 -26.28 -13.97 -19.21
CA VAL B 29 -25.98 -13.47 -20.53
C VAL B 29 -25.34 -12.10 -20.35
N ASP B 30 -24.32 -11.78 -21.18
CA ASP B 30 -23.69 -10.42 -21.11
C ASP B 30 -23.49 -9.96 -22.58
N ASP B 31 -22.70 -8.90 -22.84
CA ASP B 31 -22.64 -8.32 -24.18
C ASP B 31 -22.06 -9.35 -25.19
N ILE B 32 -21.37 -10.34 -24.72
CA ILE B 32 -20.72 -11.20 -25.72
C ILE B 32 -20.96 -12.69 -25.61
N SER B 33 -21.67 -13.15 -24.60
CA SER B 33 -21.68 -14.58 -24.30
C SER B 33 -22.93 -14.89 -23.48
N SER B 34 -23.28 -16.16 -23.40
CA SER B 34 -24.45 -16.58 -22.62
C SER B 34 -24.13 -17.99 -22.12
N LEU B 35 -24.67 -18.34 -20.95
CA LEU B 35 -24.49 -19.68 -20.39
C LEU B 35 -25.90 -20.08 -20.01
N SER B 36 -26.32 -21.24 -20.49
CA SER B 36 -27.47 -21.94 -19.96
C SER B 36 -27.14 -22.48 -18.60
N PHE B 37 -28.17 -22.86 -17.84
CA PHE B 37 -27.92 -23.49 -16.53
C PHE B 37 -27.05 -24.72 -16.68
N ALA B 38 -27.32 -25.55 -17.68
CA ALA B 38 -26.44 -26.72 -17.84
C ALA B 38 -24.95 -26.33 -18.18
N GLN B 39 -24.75 -25.32 -19.04
CA GLN B 39 -23.41 -24.88 -19.50
C GLN B 39 -22.72 -24.25 -18.26
N LEU B 40 -23.51 -23.56 -17.43
CA LEU B 40 -22.93 -22.97 -16.20
C LEU B 40 -22.53 -24.09 -15.24
N GLU B 41 -23.37 -25.12 -15.09
CA GLU B 41 -22.98 -26.27 -14.23
C GLU B 41 -21.64 -26.93 -14.68
N ALA B 42 -21.57 -27.19 -15.96
CA ALA B 42 -20.42 -27.90 -16.50
C ALA B 42 -19.16 -27.05 -16.29
N GLN B 43 -19.23 -25.73 -16.52
CA GLN B 43 -18.09 -24.87 -16.37
C GLN B 43 -17.67 -24.69 -14.92
N THR B 44 -18.66 -24.49 -14.05
CA THR B 44 -18.49 -24.47 -12.63
C THR B 44 -17.72 -25.73 -12.12
N ARG B 45 -18.14 -26.89 -12.57
CA ARG B 45 -17.54 -28.13 -11.98
C ARG B 45 -16.15 -28.37 -12.62
N GLN B 46 -15.96 -27.90 -13.85
CA GLN B 46 -14.62 -28.02 -14.50
C GLN B 46 -13.65 -27.07 -13.84
N LEU B 47 -14.14 -25.87 -13.50
CA LEU B 47 -13.25 -24.93 -12.85
C LEU B 47 -12.87 -25.45 -11.45
N ALA B 48 -13.84 -26.06 -10.76
CA ALA B 48 -13.56 -26.67 -9.47
C ALA B 48 -12.43 -27.66 -9.61
N ALA B 49 -12.55 -28.49 -10.62
CA ALA B 49 -11.51 -29.51 -10.87
C ALA B 49 -10.16 -28.83 -11.15
N ALA B 50 -10.19 -27.82 -12.03
CA ALA B 50 -8.99 -27.11 -12.45
C ALA B 50 -8.26 -26.49 -11.25
N LEU B 51 -9.02 -25.82 -10.35
CA LEU B 51 -8.43 -25.27 -9.18
C LEU B 51 -7.79 -26.35 -8.28
N ARG B 52 -8.45 -27.50 -8.15
CA ARG B 52 -7.82 -28.56 -7.37
C ARG B 52 -6.57 -29.13 -8.02
N ALA B 53 -6.56 -29.18 -9.35
CA ALA B 53 -5.43 -29.73 -10.11
C ALA B 53 -4.18 -28.78 -10.00
N ILE B 54 -4.35 -27.45 -9.76
CA ILE B 54 -3.18 -26.61 -9.50
C ILE B 54 -2.78 -26.62 -8.01
N GLY B 55 -3.43 -27.47 -7.21
CA GLY B 55 -2.97 -27.67 -5.84
C GLY B 55 -3.67 -26.83 -4.79
N VAL B 56 -4.66 -26.05 -5.21
CA VAL B 56 -5.47 -25.30 -4.21
C VAL B 56 -6.36 -26.28 -3.41
N LYS B 57 -6.26 -26.22 -2.07
CA LYS B 57 -6.93 -27.11 -1.18
C LYS B 57 -8.19 -26.53 -0.59
N ARG B 58 -9.02 -27.44 -0.05
CA ARG B 58 -10.15 -26.99 0.75
C ARG B 58 -9.75 -26.01 1.82
N GLU B 59 -10.63 -25.01 2.01
CA GLU B 59 -10.50 -23.87 2.93
C GLU B 59 -9.49 -22.80 2.55
N GLU B 60 -8.63 -23.06 1.54
CA GLU B 60 -7.70 -21.99 1.10
C GLU B 60 -8.48 -20.95 0.30
N ARG B 61 -7.99 -19.72 0.27
CA ARG B 61 -8.65 -18.63 -0.47
C ARG B 61 -8.12 -18.49 -1.91
N VAL B 62 -8.96 -17.93 -2.81
CA VAL B 62 -8.47 -17.45 -4.10
C VAL B 62 -9.05 -16.05 -4.22
N LEU B 63 -8.32 -15.16 -4.92
CA LEU B 63 -8.84 -13.78 -5.04
C LEU B 63 -9.64 -13.77 -6.33
N LEU B 64 -10.85 -13.21 -6.29
CA LEU B 64 -11.69 -13.09 -7.45
C LEU B 64 -11.82 -11.57 -7.71
N LEU B 65 -11.06 -11.13 -8.72
CA LEU B 65 -10.97 -9.68 -9.12
C LEU B 65 -11.45 -9.62 -10.56
N MET B 66 -12.78 -9.52 -10.75
CA MET B 66 -13.38 -9.67 -12.07
C MET B 66 -14.53 -8.74 -12.34
N LEU B 67 -14.58 -8.21 -13.57
CA LEU B 67 -15.69 -7.39 -14.04
C LEU B 67 -16.89 -8.29 -14.23
N ASP B 68 -18.10 -7.71 -14.21
CA ASP B 68 -19.29 -8.53 -14.31
C ASP B 68 -19.30 -9.16 -15.72
N GLY B 69 -19.70 -10.42 -15.79
CA GLY B 69 -19.75 -11.13 -17.04
C GLY B 69 -19.95 -12.59 -16.74
N THR B 70 -20.19 -13.39 -17.78
CA THR B 70 -20.55 -14.83 -17.57
C THR B 70 -19.46 -15.63 -16.87
N ASP B 71 -18.17 -15.24 -16.94
CA ASP B 71 -17.15 -15.98 -16.24
C ASP B 71 -17.20 -15.77 -14.73
N TRP B 72 -17.75 -14.63 -14.29
CA TRP B 72 -17.73 -14.32 -12.87
C TRP B 72 -18.50 -15.36 -12.02
N PRO B 73 -19.77 -15.68 -12.34
CA PRO B 73 -20.40 -16.74 -11.49
C PRO B 73 -19.72 -18.14 -11.63
N VAL B 74 -19.13 -18.39 -12.78
CA VAL B 74 -18.27 -19.65 -12.92
C VAL B 74 -17.13 -19.70 -11.90
N ALA B 75 -16.43 -18.60 -11.77
CA ALA B 75 -15.26 -18.44 -10.90
C ALA B 75 -15.78 -18.60 -9.43
N PHE B 76 -16.84 -17.85 -9.12
CA PHE B 76 -17.37 -17.83 -7.77
C PHE B 76 -17.90 -19.21 -7.36
N LEU B 77 -18.85 -19.74 -8.11
CA LEU B 77 -19.41 -21.07 -7.82
C LEU B 77 -18.40 -22.21 -7.96
N GLY B 78 -17.49 -22.11 -8.90
CA GLY B 78 -16.56 -23.22 -9.15
C GLY B 78 -15.63 -23.34 -7.95
N ALA B 79 -15.19 -22.21 -7.38
CA ALA B 79 -14.39 -22.27 -6.15
C ALA B 79 -15.21 -22.88 -5.02
N ILE B 80 -16.42 -22.35 -4.81
CA ILE B 80 -17.25 -22.87 -3.73
C ILE B 80 -17.52 -24.39 -3.83
N TYR B 81 -17.74 -24.85 -5.05
CA TYR B 81 -18.02 -26.28 -5.32
C TYR B 81 -16.84 -27.16 -4.85
N ALA B 82 -15.65 -26.67 -5.13
CA ALA B 82 -14.41 -27.31 -4.64
C ALA B 82 -14.17 -27.11 -3.15
N GLY B 83 -14.97 -26.28 -2.46
CA GLY B 83 -14.59 -26.04 -1.05
C GLY B 83 -13.49 -25.01 -0.87
N ILE B 84 -13.17 -24.30 -1.95
CA ILE B 84 -12.17 -23.25 -2.00
C ILE B 84 -12.94 -21.96 -1.74
N VAL B 85 -12.33 -21.05 -1.01
CA VAL B 85 -13.04 -19.81 -0.56
C VAL B 85 -12.68 -18.60 -1.49
N PRO B 86 -13.58 -18.22 -2.42
CA PRO B 86 -13.26 -17.09 -3.28
C PRO B 86 -13.42 -15.78 -2.41
N VAL B 87 -12.50 -14.83 -2.62
CA VAL B 87 -12.59 -13.53 -1.98
C VAL B 87 -12.93 -12.51 -3.06
N ALA B 88 -14.19 -12.04 -3.06
CA ALA B 88 -14.67 -11.27 -4.18
C ALA B 88 -14.50 -9.81 -3.83
N VAL B 89 -13.74 -9.13 -4.66
CA VAL B 89 -13.33 -7.71 -4.32
C VAL B 89 -13.69 -6.73 -5.42
N ASN B 90 -13.85 -5.51 -4.95
CA ASN B 90 -14.05 -4.37 -5.78
C ASN B 90 -12.99 -4.20 -6.85
N THR B 91 -13.45 -3.83 -8.05
CA THR B 91 -12.62 -3.80 -9.24
C THR B 91 -12.03 -2.41 -9.52
N LEU B 92 -12.35 -1.43 -8.65
CA LEU B 92 -11.92 -0.04 -8.88
C LEU B 92 -10.75 0.36 -7.95
N LEU B 93 -10.06 -0.59 -7.31
CA LEU B 93 -9.08 -0.20 -6.25
C LEU B 93 -7.69 -0.13 -6.81
N THR B 94 -6.75 0.21 -5.94
CA THR B 94 -5.33 0.46 -6.39
C THR B 94 -4.52 -0.76 -6.20
N ALA B 95 -3.30 -0.76 -6.79
CA ALA B 95 -2.34 -1.86 -6.59
C ALA B 95 -2.04 -2.05 -5.08
N ASP B 96 -1.94 -0.93 -4.32
CA ASP B 96 -1.73 -1.01 -2.87
C ASP B 96 -2.87 -1.73 -2.19
N ASP B 97 -4.13 -1.41 -2.59
CA ASP B 97 -5.27 -2.07 -1.96
C ASP B 97 -5.20 -3.60 -2.21
N TYR B 98 -4.97 -3.97 -3.48
CA TYR B 98 -4.96 -5.44 -3.78
C TYR B 98 -3.74 -6.17 -3.12
N ALA B 99 -2.62 -5.49 -3.02
CA ALA B 99 -1.46 -6.09 -2.39
C ALA B 99 -1.80 -6.52 -0.96
N TYR B 100 -2.47 -5.65 -0.21
CA TYR B 100 -2.87 -5.99 1.16
C TYR B 100 -3.84 -7.17 1.14
N MET B 101 -4.82 -7.14 0.22
CA MET B 101 -5.83 -8.24 0.16
C MET B 101 -5.16 -9.62 -0.12
N LEU B 102 -4.19 -9.61 -1.05
CA LEU B 102 -3.40 -10.84 -1.35
C LEU B 102 -2.71 -11.32 -0.09
N GLU B 103 -2.11 -10.40 0.64
CA GLU B 103 -1.36 -10.79 1.82
C GLU B 103 -2.27 -11.31 2.92
N HIS B 104 -3.33 -10.55 3.18
CA HIS B 104 -4.20 -10.90 4.32
C HIS B 104 -5.02 -12.16 4.04
N SER B 105 -5.53 -12.36 2.78
CA SER B 105 -6.37 -13.48 2.48
C SER B 105 -5.46 -14.69 2.34
N ARG B 106 -4.14 -14.47 2.14
CA ARG B 106 -3.26 -15.54 1.69
C ARG B 106 -3.75 -16.28 0.49
N ALA B 107 -4.26 -15.54 -0.52
CA ALA B 107 -4.85 -16.19 -1.70
C ALA B 107 -3.77 -17.03 -2.37
N GLN B 108 -4.18 -18.23 -2.80
CA GLN B 108 -3.26 -19.16 -3.42
C GLN B 108 -3.35 -19.07 -4.89
N ALA B 109 -4.40 -18.40 -5.38
CA ALA B 109 -4.50 -18.15 -6.86
C ALA B 109 -5.35 -16.91 -7.01
N VAL B 110 -5.29 -16.31 -8.21
CA VAL B 110 -6.12 -15.14 -8.61
C VAL B 110 -6.88 -15.43 -9.89
N LEU B 111 -8.18 -15.11 -9.87
CA LEU B 111 -8.99 -15.07 -11.08
C LEU B 111 -9.28 -13.64 -11.39
N VAL B 112 -8.80 -13.19 -12.54
CA VAL B 112 -8.75 -11.78 -12.81
C VAL B 112 -9.20 -11.43 -14.27
N SER B 113 -9.94 -10.32 -14.43
CA SER B 113 -10.25 -9.89 -15.77
C SER B 113 -9.02 -9.31 -16.44
N GLY B 114 -8.94 -9.47 -17.78
CA GLY B 114 -7.82 -8.83 -18.52
C GLY B 114 -7.63 -7.35 -18.25
N ALA B 115 -8.74 -6.61 -18.21
CA ALA B 115 -8.66 -5.17 -18.02
C ALA B 115 -8.05 -4.86 -16.67
N LEU B 116 -8.15 -5.79 -15.69
CA LEU B 116 -7.59 -5.59 -14.29
C LEU B 116 -6.18 -6.23 -14.09
N HIS B 117 -5.63 -6.81 -15.13
CA HIS B 117 -4.33 -7.48 -15.00
C HIS B 117 -3.18 -6.49 -14.68
N PRO B 118 -3.17 -5.23 -15.24
CA PRO B 118 -2.07 -4.34 -14.94
C PRO B 118 -2.05 -4.05 -13.42
N VAL B 119 -3.22 -3.72 -12.88
CA VAL B 119 -3.22 -3.38 -11.41
C VAL B 119 -2.88 -4.59 -10.54
N LEU B 120 -3.31 -5.78 -11.00
CA LEU B 120 -2.95 -6.99 -10.29
C LEU B 120 -1.44 -7.29 -10.35
N LYS B 121 -0.86 -7.16 -11.53
CA LYS B 121 0.55 -7.37 -11.71
C LYS B 121 1.34 -6.46 -10.76
N ALA B 122 0.92 -5.16 -10.60
CA ALA B 122 1.55 -4.23 -9.68
C ALA B 122 1.42 -4.71 -8.22
N ALA B 123 0.24 -5.20 -7.85
CA ALA B 123 0.00 -5.73 -6.49
C ALA B 123 0.88 -6.98 -6.25
N LEU B 124 0.99 -7.82 -7.27
CA LEU B 124 1.80 -9.07 -7.07
C LEU B 124 3.28 -8.71 -6.87
N THR B 125 3.77 -7.75 -7.63
CA THR B 125 5.19 -7.37 -7.56
C THR B 125 5.53 -6.79 -6.22
N LYS B 126 4.61 -6.02 -5.63
CA LYS B 126 5.05 -5.40 -4.39
C LYS B 126 4.74 -6.20 -3.10
N SER B 127 3.95 -7.23 -3.20
CA SER B 127 3.42 -7.87 -2.00
C SER B 127 4.13 -9.15 -1.61
N ASP B 128 4.01 -9.50 -0.34
CA ASP B 128 4.49 -10.81 0.13
C ASP B 128 3.34 -11.83 0.05
N HIS B 129 3.01 -12.24 -1.16
CA HIS B 129 1.76 -12.91 -1.44
C HIS B 129 2.14 -14.38 -1.59
N GLU B 130 1.13 -15.25 -1.67
CA GLU B 130 1.32 -16.71 -1.92
C GLU B 130 0.66 -17.20 -3.20
N VAL B 131 0.54 -16.33 -4.20
CA VAL B 131 -0.21 -16.70 -5.42
C VAL B 131 0.74 -17.57 -6.22
N GLN B 132 0.24 -18.75 -6.56
CA GLN B 132 0.92 -19.72 -7.42
C GLN B 132 0.51 -19.60 -8.88
N ARG B 133 -0.74 -19.23 -9.15
CA ARG B 133 -1.20 -19.14 -10.53
C ARG B 133 -2.22 -18.02 -10.73
N VAL B 134 -2.16 -17.38 -11.89
CA VAL B 134 -3.12 -16.30 -12.20
C VAL B 134 -3.91 -16.80 -13.41
N ILE B 135 -5.23 -16.84 -13.24
CA ILE B 135 -6.15 -17.23 -14.31
C ILE B 135 -6.81 -15.99 -14.91
N VAL B 136 -6.57 -15.71 -16.19
CA VAL B 136 -7.01 -14.42 -16.76
C VAL B 136 -8.26 -14.60 -17.62
N SER B 137 -9.35 -13.94 -17.24
CA SER B 137 -10.57 -14.00 -18.04
C SER B 137 -10.54 -12.86 -19.04
N ARG B 138 -10.60 -13.17 -20.33
CA ARG B 138 -10.49 -12.16 -21.38
C ARG B 138 -9.21 -11.31 -21.37
N PRO B 139 -8.08 -11.94 -21.63
CA PRO B 139 -6.81 -11.26 -21.57
C PRO B 139 -6.73 -10.11 -22.54
N ALA B 140 -6.13 -8.99 -22.08
CA ALA B 140 -6.02 -7.81 -22.92
C ALA B 140 -4.55 -7.53 -23.21
N ALA B 141 -3.69 -8.52 -22.99
CA ALA B 141 -2.24 -8.36 -23.15
C ALA B 141 -1.63 -9.75 -23.12
N PRO B 142 -0.38 -9.89 -23.58
CA PRO B 142 0.16 -11.25 -23.59
C PRO B 142 0.27 -11.89 -22.19
N LEU B 143 0.04 -13.20 -22.11
CA LEU B 143 0.16 -13.85 -20.81
C LEU B 143 1.58 -14.01 -20.30
N GLU B 144 1.74 -13.97 -18.97
CA GLU B 144 3.04 -14.07 -18.33
C GLU B 144 3.25 -15.52 -17.84
N PRO B 145 4.48 -15.86 -17.46
CA PRO B 145 4.73 -17.23 -17.00
C PRO B 145 3.81 -17.61 -15.85
N GLY B 146 3.13 -18.75 -15.92
CA GLY B 146 2.20 -19.15 -14.86
C GLY B 146 0.78 -18.56 -14.99
N GLU B 147 0.56 -17.73 -15.98
CA GLU B 147 -0.77 -17.24 -16.22
C GLU B 147 -1.42 -18.11 -17.29
N VAL B 148 -2.71 -18.36 -17.16
CA VAL B 148 -3.45 -19.10 -18.17
C VAL B 148 -4.77 -18.39 -18.48
N ASP B 149 -5.18 -18.46 -19.73
CA ASP B 149 -6.53 -18.01 -20.09
C ASP B 149 -7.61 -18.79 -19.38
N PHE B 150 -8.59 -18.06 -18.84
CA PHE B 150 -9.67 -18.71 -18.05
C PHE B 150 -10.42 -19.77 -18.89
N ALA B 151 -10.77 -19.49 -20.15
CA ALA B 151 -11.50 -20.48 -20.98
C ALA B 151 -10.66 -21.76 -21.18
N GLU B 152 -9.36 -21.56 -21.42
CA GLU B 152 -8.43 -22.69 -21.57
C GLU B 152 -8.32 -23.47 -20.30
N PHE B 153 -8.23 -22.75 -19.17
CA PHE B 153 -8.07 -23.37 -17.84
C PHE B 153 -9.28 -24.27 -17.49
N VAL B 154 -10.49 -23.69 -17.62
CA VAL B 154 -11.72 -24.38 -17.49
C VAL B 154 -11.81 -25.60 -18.48
N GLY B 155 -11.48 -25.36 -19.73
CA GLY B 155 -11.74 -26.37 -20.76
C GLY B 155 -10.69 -27.49 -20.66
N ALA B 156 -9.71 -27.35 -19.79
CA ALA B 156 -8.61 -28.35 -19.71
C ALA B 156 -8.86 -29.47 -18.73
N HIS B 157 -10.05 -29.44 -18.13
CA HIS B 157 -10.37 -30.32 -17.02
C HIS B 157 -11.76 -30.85 -17.13
N ALA B 158 -11.94 -32.13 -16.79
CA ALA B 158 -13.29 -32.67 -16.75
C ALA B 158 -14.03 -32.21 -15.50
N PRO B 159 -15.38 -32.24 -15.52
CA PRO B 159 -16.01 -31.75 -14.29
C PRO B 159 -15.72 -32.55 -13.08
N LEU B 160 -15.44 -31.85 -11.99
CA LEU B 160 -15.32 -32.45 -10.68
C LEU B 160 -16.54 -33.38 -10.34
N GLU B 161 -16.27 -34.62 -9.96
CA GLU B 161 -17.33 -35.63 -9.81
C GLU B 161 -18.33 -35.17 -8.76
N LYS B 162 -17.87 -34.69 -7.59
CA LYS B 162 -18.71 -34.32 -6.44
C LYS B 162 -18.22 -33.04 -5.73
N PRO B 163 -19.13 -32.27 -5.07
CA PRO B 163 -18.58 -31.06 -4.41
C PRO B 163 -17.83 -31.48 -3.16
N ALA B 164 -17.03 -30.56 -2.65
CA ALA B 164 -16.44 -30.74 -1.33
C ALA B 164 -17.58 -30.97 -0.33
N ALA B 165 -17.34 -31.85 0.66
CA ALA B 165 -18.29 -32.16 1.73
C ALA B 165 -18.31 -31.10 2.82
N THR B 166 -18.63 -29.88 2.45
CA THR B 166 -18.76 -28.78 3.39
C THR B 166 -20.03 -28.90 4.26
N GLN B 167 -19.97 -28.22 5.38
CA GLN B 167 -21.06 -28.04 6.33
C GLN B 167 -21.67 -26.66 6.07
N ALA B 168 -22.98 -26.56 6.26
CA ALA B 168 -23.66 -25.22 6.21
C ALA B 168 -22.90 -24.09 6.88
N ASP B 169 -22.32 -24.31 8.08
CA ASP B 169 -21.65 -23.26 8.82
C ASP B 169 -20.15 -23.10 8.53
N ASP B 170 -19.60 -23.86 7.60
CA ASP B 170 -18.22 -23.64 7.12
C ASP B 170 -18.11 -22.33 6.30
N PRO B 171 -17.00 -21.62 6.41
CA PRO B 171 -16.75 -20.46 5.52
C PRO B 171 -16.93 -20.91 4.08
N ALA B 172 -17.56 -20.03 3.31
CA ALA B 172 -17.79 -20.28 1.88
C ALA B 172 -17.10 -19.25 1.04
N PHE B 173 -17.13 -17.98 1.46
CA PHE B 173 -16.59 -16.87 0.61
C PHE B 173 -16.34 -15.64 1.50
N TRP B 174 -15.53 -14.67 1.04
CA TRP B 174 -15.25 -13.45 1.84
C TRP B 174 -15.61 -12.27 0.93
N LEU B 175 -15.96 -11.12 1.55
CA LEU B 175 -16.02 -9.82 0.91
C LEU B 175 -15.23 -8.91 1.84
N TYR B 176 -14.68 -7.81 1.30
CA TYR B 176 -13.95 -6.91 2.15
C TYR B 176 -14.85 -5.75 2.47
N SER B 177 -14.75 -5.25 3.70
CA SER B 177 -15.54 -4.08 4.11
C SER B 177 -14.64 -3.00 4.67
N SER B 178 -14.71 -1.77 4.12
CA SER B 178 -13.88 -0.66 4.59
C SER B 178 -14.39 -0.07 5.89
N GLY B 179 -13.51 0.45 6.78
CA GLY B 179 -13.94 1.13 8.07
C GLY B 179 -13.37 2.56 8.07
N SER B 180 -13.52 3.31 9.16
CA SER B 180 -13.07 4.73 9.07
C SER B 180 -11.54 4.84 9.08
N THR B 181 -10.86 4.01 9.89
CA THR B 181 -9.40 3.87 9.78
C THR B 181 -9.05 2.35 9.70
N GLY B 182 -7.80 2.07 9.41
CA GLY B 182 -7.33 0.68 9.41
C GLY B 182 -7.55 -0.01 8.07
N ARG B 183 -7.04 -1.23 8.00
CA ARG B 183 -7.19 -2.07 6.84
C ARG B 183 -8.69 -2.47 6.62
N PRO B 184 -9.08 -2.72 5.37
CA PRO B 184 -10.39 -3.30 5.13
C PRO B 184 -10.48 -4.67 5.81
N LYS B 185 -11.68 -5.02 6.25
CA LYS B 185 -11.88 -6.21 7.08
C LYS B 185 -12.40 -7.35 6.22
N GLY B 186 -11.83 -8.54 6.35
CA GLY B 186 -12.26 -9.69 5.53
C GLY B 186 -13.48 -10.34 6.19
N VAL B 187 -14.66 -10.00 5.65
CA VAL B 187 -15.94 -10.45 6.15
C VAL B 187 -16.14 -11.91 5.70
N VAL B 188 -16.15 -12.82 6.67
CA VAL B 188 -16.37 -14.29 6.44
C VAL B 188 -17.84 -14.78 6.42
N HIS B 189 -18.29 -15.24 5.24
CA HIS B 189 -19.66 -15.75 5.07
C HIS B 189 -19.62 -17.26 4.97
N THR B 190 -20.65 -17.88 5.54
CA THR B 190 -20.81 -19.37 5.44
C THR B 190 -21.60 -19.87 4.21
N HIS B 191 -21.62 -21.18 3.96
CA HIS B 191 -22.50 -21.71 2.94
C HIS B 191 -23.96 -21.40 3.21
N ALA B 192 -24.35 -21.33 4.50
CA ALA B 192 -25.79 -21.10 4.83
C ALA B 192 -26.22 -19.64 4.53
N ASN B 193 -25.31 -18.71 4.68
CA ASN B 193 -25.73 -17.25 4.65
C ASN B 193 -26.43 -16.84 3.34
N PRO B 194 -25.85 -17.17 2.19
CA PRO B 194 -26.56 -16.72 0.96
C PRO B 194 -27.83 -17.55 0.68
N TYR B 195 -27.94 -18.74 1.25
CA TYR B 195 -29.24 -19.48 1.26
C TYR B 195 -30.30 -18.63 1.99
N TRP B 196 -29.94 -18.13 3.16
CA TRP B 196 -30.89 -17.35 3.96
C TRP B 196 -31.28 -16.05 3.24
N THR B 197 -30.32 -15.31 2.69
CA THR B 197 -30.73 -14.01 2.00
C THR B 197 -31.64 -14.32 0.79
N SER B 198 -31.27 -15.33 -0.03
CA SER B 198 -31.99 -15.66 -1.28
C SER B 198 -33.38 -16.13 -0.95
N GLU B 199 -33.52 -16.83 0.17
CA GLU B 199 -34.89 -17.25 0.55
C GLU B 199 -35.72 -16.16 1.26
N LEU B 200 -35.11 -15.50 2.25
CA LEU B 200 -35.83 -14.53 3.07
C LEU B 200 -36.10 -13.25 2.32
N TYR B 201 -35.17 -12.86 1.44
CA TYR B 201 -35.30 -11.63 0.71
C TYR B 201 -35.65 -11.81 -0.76
N GLY B 202 -34.73 -12.46 -1.53
CA GLY B 202 -34.98 -12.74 -2.92
C GLY B 202 -36.35 -13.36 -3.17
N ARG B 203 -36.62 -14.48 -2.48
CA ARG B 203 -37.90 -15.15 -2.75
C ARG B 203 -39.04 -14.56 -1.95
N ASN B 204 -38.90 -14.47 -0.61
CA ASN B 204 -40.10 -14.21 0.17
C ASN B 204 -40.44 -12.74 0.28
N THR B 205 -39.48 -11.86 -0.01
CA THR B 205 -39.79 -10.41 -0.01
C THR B 205 -39.98 -9.83 -1.42
N LEU B 206 -38.94 -9.94 -2.23
CA LEU B 206 -39.04 -9.58 -3.63
C LEU B 206 -39.98 -10.39 -4.49
N HIS B 207 -40.24 -11.66 -4.12
CA HIS B 207 -41.02 -12.58 -4.97
C HIS B 207 -40.42 -12.75 -6.41
N LEU B 208 -39.12 -12.89 -6.48
CA LEU B 208 -38.45 -13.13 -7.73
C LEU B 208 -38.96 -14.49 -8.20
N ARG B 209 -39.06 -14.66 -9.49
CA ARG B 209 -39.59 -15.86 -10.07
C ARG B 209 -38.85 -16.30 -11.36
N GLU B 210 -39.15 -17.52 -11.78
CA GLU B 210 -38.43 -18.13 -12.90
C GLU B 210 -38.46 -17.30 -14.15
N ASP B 211 -39.57 -16.65 -14.47
CA ASP B 211 -39.64 -15.87 -15.74
C ASP B 211 -39.05 -14.45 -15.68
N ASP B 212 -38.46 -14.12 -14.55
CA ASP B 212 -37.78 -12.85 -14.41
C ASP B 212 -36.47 -12.80 -15.16
N VAL B 213 -36.13 -11.58 -15.58
CA VAL B 213 -34.83 -11.29 -16.14
C VAL B 213 -34.23 -10.20 -15.18
N CYS B 214 -33.16 -10.55 -14.45
CA CYS B 214 -32.62 -9.67 -13.40
C CYS B 214 -31.47 -8.86 -13.96
N PHE B 215 -31.38 -7.58 -13.61
CA PHE B 215 -30.23 -6.81 -14.10
C PHE B 215 -29.91 -5.89 -12.99
N SER B 216 -28.69 -6.02 -12.45
CA SER B 216 -28.31 -5.14 -11.36
C SER B 216 -27.21 -4.12 -11.75
N ALA B 217 -27.43 -2.81 -11.51
CA ALA B 217 -26.34 -1.88 -11.73
C ALA B 217 -25.17 -2.05 -10.71
N ALA B 218 -25.51 -2.61 -9.53
CA ALA B 218 -24.56 -2.95 -8.58
C ALA B 218 -23.88 -4.24 -9.03
N LYS B 219 -22.56 -4.14 -9.04
CA LYS B 219 -21.75 -5.24 -9.56
C LYS B 219 -21.79 -6.41 -8.59
N LEU B 220 -21.40 -7.56 -9.15
CA LEU B 220 -21.37 -8.83 -8.37
C LEU B 220 -20.44 -8.80 -7.13
N PHE B 221 -19.43 -7.95 -7.11
CA PHE B 221 -18.58 -7.91 -5.95
C PHE B 221 -19.27 -7.16 -4.81
N PHE B 222 -20.31 -6.38 -5.08
CA PHE B 222 -21.01 -5.79 -3.94
C PHE B 222 -21.86 -6.82 -3.21
N ALA B 223 -21.96 -6.79 -1.89
CA ALA B 223 -22.94 -7.74 -1.31
C ALA B 223 -24.37 -7.63 -1.93
N TYR B 224 -24.83 -6.41 -2.12
CA TYR B 224 -26.13 -6.15 -2.72
C TYR B 224 -26.20 -6.80 -4.13
N GLY B 225 -25.20 -6.58 -4.96
CA GLY B 225 -25.31 -7.12 -6.31
C GLY B 225 -25.11 -8.62 -6.40
N LEU B 226 -24.29 -9.14 -5.47
CA LEU B 226 -24.06 -10.58 -5.41
C LEU B 226 -25.40 -11.34 -5.14
N GLY B 227 -26.32 -10.74 -4.36
CA GLY B 227 -27.65 -11.34 -4.21
C GLY B 227 -28.48 -11.07 -5.48
N ASN B 228 -28.54 -9.79 -5.86
CA ASN B 228 -29.44 -9.36 -6.93
C ASN B 228 -29.25 -10.18 -8.22
N ALA B 229 -27.96 -10.46 -8.51
CA ALA B 229 -27.62 -10.89 -9.87
C ALA B 229 -26.92 -12.23 -9.81
N LEU B 230 -26.91 -12.88 -8.67
CA LEU B 230 -26.36 -14.26 -8.63
C LEU B 230 -27.17 -15.16 -7.73
N THR B 231 -27.11 -14.94 -6.44
CA THR B 231 -27.72 -15.90 -5.54
C THR B 231 -29.28 -15.88 -5.61
N PHE B 232 -29.87 -14.69 -5.75
CA PHE B 232 -31.32 -14.60 -5.90
C PHE B 232 -31.83 -15.26 -7.16
N PRO B 233 -31.36 -14.83 -8.36
CA PRO B 233 -31.94 -15.43 -9.55
C PRO B 233 -31.61 -16.89 -9.74
N MET B 234 -30.46 -17.35 -9.29
CA MET B 234 -30.24 -18.81 -9.38
CA MET B 234 -30.17 -18.81 -9.31
C MET B 234 -31.13 -19.61 -8.42
N THR B 235 -31.55 -19.00 -7.32
CA THR B 235 -32.43 -19.70 -6.39
C THR B 235 -33.79 -19.97 -7.01
N VAL B 236 -34.24 -19.14 -7.94
CA VAL B 236 -35.61 -19.24 -8.53
C VAL B 236 -35.61 -19.54 -10.03
N GLY B 237 -34.41 -19.68 -10.57
CA GLY B 237 -34.25 -20.04 -11.99
C GLY B 237 -34.47 -18.89 -12.90
N ALA B 238 -34.40 -17.68 -12.38
CA ALA B 238 -34.47 -16.56 -13.31
C ALA B 238 -33.23 -16.42 -14.20
N THR B 239 -33.38 -15.66 -15.29
CA THR B 239 -32.24 -15.26 -16.17
C THR B 239 -31.60 -13.95 -15.79
N THR B 240 -30.27 -13.91 -15.77
CA THR B 240 -29.66 -12.66 -15.30
C THR B 240 -28.88 -12.03 -16.48
N LEU B 241 -29.02 -10.73 -16.68
CA LEU B 241 -28.22 -9.94 -17.55
C LEU B 241 -27.06 -9.29 -16.75
N LEU B 242 -25.86 -9.50 -17.21
CA LEU B 242 -24.66 -8.88 -16.61
C LEU B 242 -24.06 -7.92 -17.60
N MET B 243 -23.43 -6.90 -17.04
CA MET B 243 -22.84 -5.84 -17.84
C MET B 243 -21.47 -5.48 -17.22
N GLY B 244 -20.42 -5.57 -18.01
CA GLY B 244 -19.07 -5.24 -17.52
C GLY B 244 -18.78 -3.76 -17.37
N GLU B 245 -19.28 -2.95 -18.28
CA GLU B 245 -18.90 -1.52 -18.26
C GLU B 245 -19.55 -0.72 -17.13
N ARG B 246 -19.00 0.45 -16.91
CA ARG B 246 -19.54 1.43 -15.96
C ARG B 246 -21.06 1.64 -16.19
N PRO B 247 -21.89 1.45 -15.15
CA PRO B 247 -23.30 1.80 -15.34
C PRO B 247 -23.41 3.34 -15.49
N THR B 248 -24.01 3.74 -16.57
CA THR B 248 -24.45 5.15 -16.71
C THR B 248 -25.90 5.04 -17.11
N PRO B 249 -26.61 6.18 -17.11
CA PRO B 249 -27.97 6.13 -17.65
C PRO B 249 -28.12 5.55 -19.05
N ASP B 250 -27.28 5.99 -20.00
CA ASP B 250 -27.33 5.45 -21.34
C ASP B 250 -27.08 3.94 -21.34
N ALA B 251 -26.11 3.47 -20.56
CA ALA B 251 -25.80 2.06 -20.61
C ALA B 251 -26.96 1.21 -19.99
N VAL B 252 -27.56 1.72 -18.92
CA VAL B 252 -28.69 1.02 -18.32
C VAL B 252 -29.91 1.07 -19.22
N PHE B 253 -30.23 2.23 -19.80
CA PHE B 253 -31.38 2.33 -20.69
C PHE B 253 -31.24 1.35 -21.87
N LYS B 254 -30.04 1.26 -22.44
CA LYS B 254 -29.85 0.34 -23.54
C LYS B 254 -30.30 -1.07 -23.16
N ARG B 255 -29.92 -1.48 -21.94
CA ARG B 255 -30.30 -2.79 -21.45
C ARG B 255 -31.78 -2.95 -21.12
N TRP B 256 -32.39 -1.93 -20.49
CA TRP B 256 -33.80 -1.95 -20.24
C TRP B 256 -34.65 -2.16 -21.52
N LEU B 257 -34.19 -1.55 -22.60
CA LEU B 257 -34.87 -1.54 -23.91
C LEU B 257 -34.59 -2.84 -24.71
N GLY B 258 -33.72 -3.69 -24.22
CA GLY B 258 -33.54 -5.00 -24.85
C GLY B 258 -32.39 -4.98 -25.83
N GLY B 259 -31.48 -4.04 -25.63
CA GLY B 259 -30.33 -3.93 -26.54
C GLY B 259 -29.30 -5.04 -26.42
N VAL B 260 -29.34 -5.83 -25.36
CA VAL B 260 -28.38 -6.92 -25.17
C VAL B 260 -29.05 -8.25 -24.91
N GLY B 261 -28.56 -9.29 -25.57
CA GLY B 261 -28.98 -10.64 -25.31
C GLY B 261 -30.39 -11.03 -25.71
N GLY B 262 -31.05 -10.22 -26.52
CA GLY B 262 -32.46 -10.47 -26.84
C GLY B 262 -33.40 -10.43 -25.62
N VAL B 263 -33.01 -9.77 -24.51
CA VAL B 263 -33.81 -9.84 -23.27
C VAL B 263 -34.02 -8.48 -22.69
N LYS B 264 -35.23 -8.25 -22.21
CA LYS B 264 -35.56 -7.06 -21.44
C LYS B 264 -35.67 -7.38 -19.95
N PRO B 265 -34.93 -6.65 -19.10
CA PRO B 265 -35.03 -6.89 -17.68
C PRO B 265 -36.44 -6.62 -17.17
N THR B 266 -36.86 -7.49 -16.25
CA THR B 266 -38.09 -7.33 -15.50
C THR B 266 -37.78 -6.79 -14.12
N VAL B 267 -36.56 -7.02 -13.64
CA VAL B 267 -36.21 -6.59 -12.30
C VAL B 267 -34.89 -5.81 -12.43
N PHE B 268 -34.90 -4.61 -11.93
CA PHE B 268 -33.70 -3.82 -11.91
C PHE B 268 -33.36 -3.48 -10.48
N TYR B 269 -32.06 -3.31 -10.23
CA TYR B 269 -31.53 -2.97 -8.90
C TYR B 269 -30.41 -1.93 -9.05
N GLY B 270 -30.31 -1.02 -8.08
CA GLY B 270 -29.24 -0.03 -8.15
C GLY B 270 -29.35 0.92 -6.97
N ALA B 271 -28.40 1.86 -6.92
CA ALA B 271 -28.37 2.83 -5.85
C ALA B 271 -29.16 4.08 -6.20
N PRO B 272 -29.64 4.77 -5.16
CA PRO B 272 -30.37 6.02 -5.36
C PRO B 272 -29.65 7.01 -6.32
N THR B 273 -28.31 7.06 -6.31
CA THR B 273 -27.57 7.92 -7.17
C THR B 273 -27.85 7.66 -8.60
N GLY B 274 -27.86 6.38 -8.98
CA GLY B 274 -28.21 5.98 -10.36
C GLY B 274 -29.66 6.33 -10.70
N TYR B 275 -30.59 6.06 -9.80
CA TYR B 275 -31.98 6.42 -10.09
C TYR B 275 -32.15 7.95 -10.31
N ALA B 276 -31.52 8.78 -9.48
CA ALA B 276 -31.55 10.25 -9.73
C ALA B 276 -30.96 10.63 -11.11
N GLY B 277 -29.77 10.09 -11.45
CA GLY B 277 -29.13 10.31 -12.74
C GLY B 277 -30.07 9.93 -13.87
N MET B 278 -30.67 8.73 -13.80
CA MET B 278 -31.64 8.32 -14.80
C MET B 278 -32.89 9.20 -14.92
N LEU B 279 -33.48 9.57 -13.79
CA LEU B 279 -34.66 10.47 -13.83
C LEU B 279 -34.35 11.85 -14.42
N ALA B 280 -33.10 12.28 -14.30
CA ALA B 280 -32.66 13.59 -14.83
C ALA B 280 -32.35 13.51 -16.32
N ALA B 281 -32.26 12.31 -16.86
CA ALA B 281 -31.73 12.12 -18.21
C ALA B 281 -32.82 12.41 -19.30
N PRO B 282 -32.51 13.25 -20.29
CA PRO B 282 -33.57 13.62 -21.24
C PRO B 282 -34.09 12.46 -22.10
N ASN B 283 -33.27 11.43 -22.28
CA ASN B 283 -33.73 10.22 -22.95
C ASN B 283 -34.23 9.09 -22.01
N LEU B 284 -34.67 9.44 -20.82
CA LEU B 284 -35.36 8.51 -19.88
C LEU B 284 -36.51 7.83 -20.65
N PRO B 285 -36.53 6.48 -20.73
CA PRO B 285 -37.62 5.76 -21.44
C PRO B 285 -39.00 5.92 -20.77
N SER B 286 -40.10 5.71 -21.51
CA SER B 286 -41.41 5.76 -20.90
C SER B 286 -41.78 4.33 -20.51
N ARG B 287 -42.81 4.17 -19.66
CA ARG B 287 -43.15 2.87 -19.05
C ARG B 287 -43.41 1.83 -20.14
N ASP B 288 -43.96 2.27 -21.28
CA ASP B 288 -44.39 1.40 -22.39
C ASP B 288 -43.22 0.82 -23.14
N GLN B 289 -42.04 1.41 -23.00
CA GLN B 289 -40.85 0.92 -23.71
C GLN B 289 -40.09 -0.15 -22.91
N VAL B 290 -40.43 -0.34 -21.63
CA VAL B 290 -39.59 -1.25 -20.79
C VAL B 290 -40.45 -2.40 -20.26
N ALA B 291 -39.80 -3.43 -19.70
CA ALA B 291 -40.52 -4.57 -19.16
C ALA B 291 -40.43 -4.66 -17.64
N LEU B 292 -39.96 -3.56 -17.05
CA LEU B 292 -39.73 -3.57 -15.60
C LEU B 292 -41.02 -3.82 -14.82
N ARG B 293 -40.99 -4.79 -13.91
CA ARG B 293 -42.05 -4.93 -12.90
C ARG B 293 -41.62 -4.60 -11.48
N LEU B 294 -40.31 -4.47 -11.24
CA LEU B 294 -39.84 -4.34 -9.89
C LEU B 294 -38.56 -3.53 -9.96
N ALA B 295 -38.40 -2.53 -9.07
CA ALA B 295 -37.20 -1.71 -9.13
C ALA B 295 -36.75 -1.63 -7.66
N SER B 296 -35.66 -2.33 -7.37
CA SER B 296 -35.05 -2.37 -6.05
C SER B 296 -33.95 -1.32 -5.89
N SER B 297 -33.86 -0.71 -4.69
CA SER B 297 -32.83 0.28 -4.46
C SER B 297 -32.17 -0.07 -3.11
N ALA B 298 -30.86 0.07 -3.07
CA ALA B 298 -30.08 -0.07 -1.81
C ALA B 298 -28.75 0.66 -2.00
N GLY B 299 -28.04 0.89 -0.90
CA GLY B 299 -26.70 1.45 -1.03
C GLY B 299 -26.63 2.84 -0.44
N GLU B 300 -27.81 3.48 -0.26
CA GLU B 300 -27.92 4.72 0.52
C GLU B 300 -29.40 4.99 0.77
N ALA B 301 -29.71 5.87 1.74
CA ALA B 301 -31.12 6.19 1.96
C ALA B 301 -31.66 6.78 0.65
N LEU B 302 -32.88 6.34 0.25
CA LEU B 302 -33.50 6.88 -0.94
C LEU B 302 -34.26 8.18 -0.55
N PRO B 303 -33.84 9.35 -1.07
CA PRO B 303 -34.69 10.53 -0.83
C PRO B 303 -36.07 10.31 -1.33
N ALA B 304 -37.04 10.70 -0.49
CA ALA B 304 -38.40 10.60 -0.88
C ALA B 304 -38.75 11.16 -2.24
N GLU B 305 -38.20 12.33 -2.64
CA GLU B 305 -38.54 12.92 -3.96
C GLU B 305 -38.15 12.03 -5.13
N ILE B 306 -37.06 11.28 -4.94
CA ILE B 306 -36.61 10.42 -6.04
C ILE B 306 -37.57 9.28 -6.27
N GLY B 307 -37.99 8.63 -5.17
CA GLY B 307 -38.95 7.59 -5.37
C GLY B 307 -40.26 8.12 -5.88
N GLN B 308 -40.71 9.30 -5.38
CA GLN B 308 -41.92 9.91 -5.88
C GLN B 308 -41.87 10.23 -7.39
N ARG B 309 -40.77 10.82 -7.87
CA ARG B 309 -40.59 11.10 -9.29
C ARG B 309 -40.57 9.86 -10.09
N PHE B 310 -39.88 8.81 -9.57
CA PHE B 310 -39.88 7.52 -10.30
C PHE B 310 -41.27 6.95 -10.45
N GLN B 311 -42.06 6.94 -9.34
CA GLN B 311 -43.41 6.40 -9.40
C GLN B 311 -44.30 7.25 -10.34
N ARG B 312 -44.13 8.58 -10.30
CA ARG B 312 -44.97 9.43 -11.15
C ARG B 312 -44.67 9.17 -12.60
N HIS B 313 -43.40 8.85 -12.91
CA HIS B 313 -43.04 8.65 -14.31
C HIS B 313 -43.41 7.27 -14.78
N PHE B 314 -43.10 6.22 -13.98
CA PHE B 314 -43.26 4.87 -14.41
C PHE B 314 -44.52 4.20 -13.92
N GLY B 315 -45.11 4.74 -12.84
CA GLY B 315 -46.26 4.06 -12.19
C GLY B 315 -45.76 2.82 -11.51
N LEU B 316 -44.45 2.75 -11.27
CA LEU B 316 -43.81 1.69 -10.55
C LEU B 316 -43.06 2.33 -9.36
N ASP B 317 -43.17 1.79 -8.14
CA ASP B 317 -42.37 2.35 -7.02
C ASP B 317 -40.93 1.94 -7.07
N ILE B 318 -40.06 2.67 -6.36
CA ILE B 318 -38.71 2.13 -6.06
C ILE B 318 -38.86 1.46 -4.65
N VAL B 319 -38.40 0.24 -4.57
CA VAL B 319 -38.45 -0.50 -3.30
C VAL B 319 -37.10 -0.46 -2.64
N ASP B 320 -36.96 0.44 -1.66
CA ASP B 320 -35.68 0.69 -1.02
C ASP B 320 -35.55 -0.08 0.27
N GLY B 321 -34.41 -0.75 0.43
CA GLY B 321 -34.12 -1.56 1.69
C GLY B 321 -32.63 -1.34 2.06
N ILE B 322 -32.22 -1.69 3.27
CA ILE B 322 -30.80 -1.58 3.63
C ILE B 322 -30.32 -2.94 4.03
N GLY B 323 -29.14 -3.24 3.53
CA GLY B 323 -28.44 -4.43 3.95
C GLY B 323 -27.00 -3.98 4.29
N SER B 324 -26.11 -4.95 4.50
CA SER B 324 -24.69 -4.56 4.82
C SER B 324 -23.83 -5.67 4.36
N THR B 325 -22.53 -5.42 4.23
CA THR B 325 -21.63 -6.52 3.94
C THR B 325 -21.67 -7.64 4.98
N GLU B 326 -21.66 -7.19 6.25
CA GLU B 326 -21.68 -8.12 7.35
C GLU B 326 -22.97 -8.96 7.40
N MET B 327 -24.15 -8.41 7.04
CA MET B 327 -25.44 -9.18 7.08
C MET B 327 -25.74 -9.87 5.72
N LEU B 328 -24.83 -9.60 4.75
CA LEU B 328 -24.86 -10.21 3.40
C LEU B 328 -25.95 -9.60 2.49
N HIS B 329 -27.18 -9.39 2.98
CA HIS B 329 -28.11 -8.67 2.11
C HIS B 329 -29.11 -7.92 3.01
N ILE B 330 -30.27 -7.61 2.42
CA ILE B 330 -31.21 -6.61 3.10
C ILE B 330 -31.98 -7.27 4.26
N PHE B 331 -32.07 -6.52 5.39
CA PHE B 331 -32.77 -6.96 6.59
C PHE B 331 -33.88 -5.98 7.02
N LEU B 332 -33.89 -4.79 6.41
CA LEU B 332 -34.92 -3.72 6.64
C LEU B 332 -35.34 -3.18 5.27
N SER B 333 -36.62 -3.28 4.94
CA SER B 333 -37.02 -3.00 3.59
C SER B 333 -38.47 -2.60 3.48
N ASN B 334 -38.71 -1.78 2.45
CA ASN B 334 -40.05 -1.58 1.95
C ASN B 334 -40.47 -2.85 1.22
N LEU B 335 -41.76 -3.03 0.89
CA LEU B 335 -42.20 -4.22 0.16
C LEU B 335 -42.58 -3.81 -1.25
N PRO B 336 -42.57 -4.76 -2.19
CA PRO B 336 -43.02 -4.45 -3.57
C PRO B 336 -44.40 -3.70 -3.56
N ASP B 337 -45.31 -4.09 -2.67
CA ASP B 337 -46.62 -3.37 -2.66
C ASP B 337 -46.86 -2.58 -1.39
N ARG B 338 -45.83 -2.28 -0.64
CA ARG B 338 -45.98 -1.43 0.58
C ARG B 338 -44.74 -0.60 0.72
N VAL B 339 -44.83 0.62 0.21
CA VAL B 339 -43.68 1.50 0.10
C VAL B 339 -44.01 2.76 0.90
N ARG B 340 -43.12 3.15 1.81
CA ARG B 340 -43.28 4.47 2.46
C ARG B 340 -42.01 5.26 2.27
N TYR B 341 -42.04 6.18 1.31
CA TYR B 341 -40.86 6.98 0.99
C TYR B 341 -40.54 7.82 2.19
N GLY B 342 -39.25 8.01 2.39
CA GLY B 342 -38.72 8.67 3.60
C GLY B 342 -38.30 7.66 4.63
N THR B 343 -38.57 6.37 4.37
CA THR B 343 -38.22 5.40 5.38
C THR B 343 -37.66 4.21 4.60
N THR B 344 -36.98 3.34 5.33
CA THR B 344 -36.44 2.09 4.76
CA THR B 344 -36.46 2.09 4.74
C THR B 344 -37.40 0.92 5.02
N GLY B 345 -38.66 1.25 5.32
CA GLY B 345 -39.63 0.20 5.58
C GLY B 345 -39.43 -0.54 6.90
N TRP B 346 -39.67 -1.84 6.86
CA TRP B 346 -39.97 -2.70 8.07
C TRP B 346 -38.97 -3.87 8.11
N PRO B 347 -38.74 -4.49 9.29
CA PRO B 347 -37.86 -5.62 9.32
C PRO B 347 -38.27 -6.67 8.34
N VAL B 348 -37.29 -7.27 7.70
CA VAL B 348 -37.48 -8.46 6.83
C VAL B 348 -37.79 -9.68 7.72
N PRO B 349 -38.89 -10.40 7.46
CA PRO B 349 -39.18 -11.52 8.33
C PRO B 349 -38.00 -12.54 8.38
N GLY B 350 -37.61 -13.00 9.56
CA GLY B 350 -36.34 -13.77 9.72
C GLY B 350 -35.23 -12.99 10.40
N TYR B 351 -35.34 -11.64 10.34
CA TYR B 351 -34.35 -10.70 10.92
C TYR B 351 -35.04 -9.96 12.02
N GLN B 352 -34.34 -9.91 13.15
CA GLN B 352 -34.78 -9.13 14.30
C GLN B 352 -33.93 -7.86 14.34
N ILE B 353 -34.57 -6.73 14.53
CA ILE B 353 -33.93 -5.42 14.53
C ILE B 353 -34.02 -4.81 15.94
N GLU B 354 -32.94 -4.22 16.44
CA GLU B 354 -33.01 -3.49 17.73
C GLU B 354 -32.33 -2.19 17.61
N LEU B 355 -32.94 -1.11 18.13
CA LEU B 355 -32.24 0.16 18.32
C LEU B 355 -31.79 0.28 19.76
N ARG B 356 -30.54 0.72 20.02
CA ARG B 356 -30.02 0.88 21.43
C ARG B 356 -29.48 2.32 21.69
N GLY B 357 -29.75 2.88 22.87
CA GLY B 357 -29.29 4.26 23.16
C GLY B 357 -27.86 4.25 23.74
N ASP B 358 -27.34 5.43 24.10
CA ASP B 358 -25.92 5.52 24.52
C ASP B 358 -25.70 4.61 25.75
N GLY B 359 -26.77 4.38 26.52
CA GLY B 359 -26.71 3.41 27.61
C GLY B 359 -26.82 1.92 27.29
N GLY B 360 -27.14 1.56 26.05
CA GLY B 360 -27.31 0.14 25.74
C GLY B 360 -28.77 -0.32 25.81
N GLY B 361 -29.67 0.51 26.36
CA GLY B 361 -31.06 0.10 26.46
C GLY B 361 -31.93 0.55 25.28
N PRO B 362 -33.24 0.27 25.36
CA PRO B 362 -34.19 0.73 24.33
C PRO B 362 -34.28 2.28 24.21
N VAL B 363 -34.73 2.74 23.03
CA VAL B 363 -34.98 4.16 22.75
C VAL B 363 -36.49 4.31 22.45
N ALA B 364 -37.06 5.49 22.72
CA ALA B 364 -38.47 5.80 22.41
C ALA B 364 -38.63 5.88 20.90
N ASP B 365 -39.81 5.47 20.40
CA ASP B 365 -40.20 5.69 18.98
C ASP B 365 -40.00 7.16 18.63
N GLY B 366 -39.48 7.45 17.43
CA GLY B 366 -39.16 8.84 17.08
C GLY B 366 -37.76 9.25 17.49
N GLU B 367 -37.11 8.52 18.40
CA GLU B 367 -35.77 8.86 18.84
C GLU B 367 -34.71 7.97 18.22
N PRO B 368 -33.52 8.53 17.99
CA PRO B 368 -32.49 7.72 17.27
C PRO B 368 -31.79 6.75 18.21
N GLY B 369 -31.57 5.52 17.73
CA GLY B 369 -30.68 4.61 18.41
C GLY B 369 -29.69 3.96 17.47
N ASP B 370 -28.67 3.31 18.02
CA ASP B 370 -27.77 2.43 17.31
C ASP B 370 -28.46 1.15 16.86
N LEU B 371 -28.30 0.84 15.56
CA LEU B 371 -29.00 -0.31 14.93
C LEU B 371 -28.20 -1.63 15.10
N TYR B 372 -28.84 -2.68 15.66
CA TYR B 372 -28.22 -4.01 15.79
C TYR B 372 -29.17 -5.01 15.12
N ILE B 373 -28.60 -5.99 14.46
CA ILE B 373 -29.43 -6.93 13.66
C ILE B 373 -29.14 -8.29 14.15
N HIS B 374 -30.20 -9.07 14.30
CA HIS B 374 -30.02 -10.49 14.60
C HIS B 374 -30.65 -11.30 13.48
N GLY B 375 -29.86 -12.02 12.69
CA GLY B 375 -30.49 -12.82 11.67
C GLY B 375 -29.53 -13.85 11.15
N PRO B 376 -30.06 -14.76 10.34
CA PRO B 376 -29.28 -15.98 10.05
C PRO B 376 -28.23 -15.85 8.93
N SER B 377 -28.08 -14.66 8.35
CA SER B 377 -27.07 -14.43 7.29
C SER B 377 -25.84 -13.68 7.74
N SER B 378 -25.70 -13.51 9.07
CA SER B 378 -24.60 -12.67 9.57
C SER B 378 -23.26 -13.38 9.37
N ALA B 379 -22.23 -12.61 9.02
CA ALA B 379 -20.87 -13.09 8.89
C ALA B 379 -20.43 -13.64 10.25
N THR B 380 -19.45 -14.51 10.21
CA THR B 380 -19.04 -15.14 11.47
C THR B 380 -17.96 -14.29 12.17
N MET B 381 -17.19 -13.60 11.38
CA MET B 381 -16.04 -12.86 11.93
C MET B 381 -15.47 -11.96 10.87
N TYR B 382 -14.58 -11.06 11.31
CA TYR B 382 -13.57 -10.45 10.44
C TYR B 382 -12.30 -11.26 10.57
N TRP B 383 -11.88 -11.86 9.44
CA TRP B 383 -10.76 -12.78 9.47
C TRP B 383 -9.49 -12.15 10.01
N GLY B 384 -8.90 -12.82 10.99
CA GLY B 384 -7.70 -12.34 11.68
C GLY B 384 -7.83 -10.98 12.41
N ASN B 385 -9.06 -10.50 12.74
CA ASN B 385 -9.20 -9.24 13.54
C ASN B 385 -10.15 -9.48 14.70
N ARG B 386 -9.59 -9.90 15.81
CA ARG B 386 -10.42 -10.38 16.90
C ARG B 386 -10.99 -9.22 17.66
N ALA B 387 -10.23 -8.14 17.83
CA ALA B 387 -10.78 -6.89 18.49
C ALA B 387 -12.00 -6.40 17.74
N LYS B 388 -11.90 -6.18 16.41
CA LYS B 388 -13.03 -5.62 15.67
C LYS B 388 -14.18 -6.63 15.53
N SER B 389 -13.88 -7.94 15.48
CA SER B 389 -14.90 -8.98 15.47
C SER B 389 -15.70 -9.02 16.76
N ARG B 390 -15.00 -8.91 17.90
CA ARG B 390 -15.69 -8.87 19.19
C ARG B 390 -16.57 -7.60 19.31
N ASP B 391 -16.07 -6.50 18.79
CA ASP B 391 -16.84 -5.28 18.85
C ASP B 391 -18.05 -5.27 17.95
N THR B 392 -18.03 -6.10 16.91
CA THR B 392 -19.09 -6.05 15.93
C THR B 392 -20.12 -7.16 16.08
N PHE B 393 -19.65 -8.39 16.34
CA PHE B 393 -20.52 -9.57 16.42
C PHE B 393 -20.57 -10.06 17.87
N GLN B 394 -21.72 -9.94 18.55
CA GLN B 394 -21.86 -10.38 19.96
C GLN B 394 -23.20 -11.03 20.21
N GLY B 395 -23.22 -12.28 20.64
CA GLY B 395 -24.48 -12.91 21.07
C GLY B 395 -25.48 -13.10 19.92
N GLY B 396 -24.96 -13.29 18.72
CA GLY B 396 -25.83 -13.34 17.55
C GLY B 396 -26.36 -11.97 17.09
N TRP B 397 -25.96 -10.87 17.75
CA TRP B 397 -26.30 -9.53 17.26
C TRP B 397 -25.14 -8.94 16.47
N THR B 398 -25.47 -8.27 15.38
CA THR B 398 -24.43 -7.61 14.59
C THR B 398 -24.63 -6.11 14.66
N LYS B 399 -23.59 -5.38 15.05
CA LYS B 399 -23.63 -3.94 15.20
C LYS B 399 -23.48 -3.30 13.83
N SER B 400 -24.42 -2.47 13.40
CA SER B 400 -24.31 -1.82 12.03
C SER B 400 -23.39 -0.62 11.93
N GLY B 401 -23.26 0.15 13.01
CA GLY B 401 -22.58 1.44 12.93
C GLY B 401 -23.53 2.58 12.54
N ASP B 402 -24.78 2.22 12.19
CA ASP B 402 -25.81 3.14 11.75
C ASP B 402 -26.69 3.55 12.92
N LYS B 403 -27.23 4.75 12.84
CA LYS B 403 -28.33 5.18 13.68
C LYS B 403 -29.60 5.20 12.86
N TYR B 404 -30.68 4.77 13.49
CA TYR B 404 -32.00 4.79 12.90
C TYR B 404 -33.07 5.24 13.93
N VAL B 405 -34.18 5.69 13.39
CA VAL B 405 -35.40 5.97 14.17
C VAL B 405 -36.53 5.00 13.79
N ARG B 406 -37.24 4.42 14.77
CA ARG B 406 -38.48 3.69 14.52
C ARG B 406 -39.70 4.61 14.62
N ASN B 407 -40.45 4.71 13.54
CA ASN B 407 -41.67 5.52 13.46
C ASN B 407 -42.91 4.79 14.02
N ASP B 408 -44.02 5.52 14.07
CA ASP B 408 -45.20 5.05 14.76
C ASP B 408 -45.81 3.79 14.14
N ASP B 409 -45.72 3.68 12.81
CA ASP B 409 -46.12 2.44 12.07
C ASP B 409 -45.10 1.26 12.01
N GLY B 410 -43.99 1.31 12.78
CA GLY B 410 -42.98 0.27 12.84
C GLY B 410 -41.96 0.33 11.72
N SER B 411 -42.11 1.32 10.84
CA SER B 411 -41.07 1.60 9.83
C SER B 411 -39.86 2.29 10.47
N TYR B 412 -38.75 2.33 9.73
CA TYR B 412 -37.43 2.83 10.29
C TYR B 412 -36.91 3.91 9.34
N THR B 413 -36.42 5.02 9.89
CA THR B 413 -35.75 6.10 9.11
C THR B 413 -34.33 6.28 9.52
N TYR B 414 -33.46 6.30 8.51
CA TYR B 414 -32.05 6.45 8.72
C TYR B 414 -31.76 7.74 9.50
N ALA B 415 -30.85 7.68 10.48
CA ALA B 415 -30.50 8.86 11.29
C ALA B 415 -28.99 9.09 11.37
N GLY B 416 -28.21 8.47 10.48
CA GLY B 416 -26.77 8.75 10.47
C GLY B 416 -25.85 7.66 11.00
N ARG B 417 -24.58 8.00 11.15
CA ARG B 417 -23.58 7.02 11.58
C ARG B 417 -23.07 7.32 12.96
N THR B 418 -22.45 6.30 13.51
CA THR B 418 -21.81 6.40 14.78
C THR B 418 -20.31 6.76 14.59
N ASP B 419 -19.84 7.00 13.34
CA ASP B 419 -18.40 6.99 13.02
C ASP B 419 -17.85 7.86 11.84
N ASP B 420 -18.68 8.68 11.23
CA ASP B 420 -18.10 9.58 10.21
C ASP B 420 -17.91 8.95 8.80
N MET B 421 -18.11 7.64 8.64
CA MET B 421 -18.08 7.02 7.30
C MET B 421 -19.15 7.65 6.42
N LEU B 422 -18.84 7.77 5.12
CA LEU B 422 -19.77 8.19 4.11
C LEU B 422 -20.21 7.03 3.24
N LYS B 423 -21.48 6.97 2.95
CA LYS B 423 -21.88 5.93 2.07
C LYS B 423 -22.23 6.62 0.76
N VAL B 424 -21.38 6.38 -0.25
CA VAL B 424 -21.48 7.09 -1.50
C VAL B 424 -21.84 6.10 -2.58
N SER B 425 -23.09 6.21 -3.05
CA SER B 425 -23.62 5.38 -4.11
C SER B 425 -23.37 3.90 -3.85
N GLY B 426 -23.60 3.41 -2.63
CA GLY B 426 -23.49 1.98 -2.36
C GLY B 426 -22.17 1.61 -1.77
N ILE B 427 -21.17 2.51 -1.84
CA ILE B 427 -19.87 2.16 -1.27
C ILE B 427 -19.50 2.96 -0.06
N TYR B 428 -19.17 2.28 1.03
CA TYR B 428 -18.60 2.96 2.24
C TYR B 428 -17.26 3.56 1.92
N VAL B 429 -17.14 4.88 2.18
CA VAL B 429 -15.89 5.62 1.93
C VAL B 429 -15.49 6.38 3.20
N SER B 430 -14.23 6.26 3.58
CA SER B 430 -13.72 7.03 4.72
C SER B 430 -13.28 8.46 4.35
N PRO B 431 -13.84 9.51 5.02
CA PRO B 431 -13.33 10.85 4.80
C PRO B 431 -11.87 10.97 5.26
N PHE B 432 -11.40 10.17 6.22
CA PHE B 432 -10.02 10.27 6.67
C PHE B 432 -9.10 9.74 5.57
N GLU B 433 -9.57 8.79 4.80
CA GLU B 433 -8.78 8.30 3.65
C GLU B 433 -8.59 9.46 2.62
N ILE B 434 -9.69 10.13 2.31
CA ILE B 434 -9.62 11.23 1.36
C ILE B 434 -8.74 12.40 1.84
N GLU B 435 -8.93 12.83 3.09
CA GLU B 435 -8.13 13.88 3.70
C GLU B 435 -6.63 13.55 3.69
N ALA B 436 -6.37 12.27 3.83
CA ALA B 436 -4.99 11.75 3.81
C ALA B 436 -4.36 11.83 2.37
N THR B 437 -5.15 11.72 1.30
CA THR B 437 -4.60 11.90 -0.06
C THR B 437 -4.40 13.42 -0.17
N LEU B 438 -5.43 14.22 0.15
CA LEU B 438 -5.28 15.70 0.00
C LEU B 438 -4.08 16.37 0.63
N VAL B 439 -3.79 16.04 1.91
CA VAL B 439 -2.69 16.67 2.60
C VAL B 439 -1.33 16.29 1.93
N GLN B 440 -1.31 15.38 0.97
CA GLN B 440 -0.04 15.05 0.35
C GLN B 440 0.25 15.98 -0.81
N HIS B 441 -0.68 16.90 -1.12
CA HIS B 441 -0.44 17.83 -2.23
C HIS B 441 0.37 18.92 -1.58
N PRO B 442 1.51 19.31 -2.20
CA PRO B 442 2.43 20.33 -1.64
C PRO B 442 1.76 21.67 -1.24
N GLY B 443 0.64 22.00 -1.87
CA GLY B 443 0.01 23.30 -1.66
C GLY B 443 -1.07 23.29 -0.58
N VAL B 444 -1.35 22.13 0.00
CA VAL B 444 -2.42 21.98 0.98
C VAL B 444 -1.75 21.99 2.37
N LEU B 445 -2.21 22.86 3.30
CA LEU B 445 -1.76 22.83 4.70
C LEU B 445 -2.57 21.88 5.66
N GLU B 446 -3.89 21.91 5.52
CA GLU B 446 -4.86 21.11 6.30
C GLU B 446 -6.03 20.79 5.37
N ALA B 447 -6.74 19.71 5.67
CA ALA B 447 -7.92 19.31 4.88
C ALA B 447 -8.86 18.57 5.79
N ALA B 448 -10.17 18.75 5.56
CA ALA B 448 -11.21 18.06 6.30
C ALA B 448 -12.26 17.68 5.29
N VAL B 449 -12.71 16.43 5.31
CA VAL B 449 -13.70 15.98 4.32
C VAL B 449 -14.93 15.56 5.11
N VAL B 450 -16.11 16.06 4.70
CA VAL B 450 -17.37 15.73 5.30
C VAL B 450 -18.35 15.33 4.22
N GLY B 451 -19.50 14.77 4.62
CA GLY B 451 -20.52 14.42 3.66
C GLY B 451 -21.51 15.58 3.51
N VAL B 452 -21.84 15.95 2.28
CA VAL B 452 -22.79 17.07 2.00
C VAL B 452 -23.79 16.60 0.97
N ALA B 453 -25.06 16.96 1.21
CA ALA B 453 -26.11 16.54 0.29
C ALA B 453 -25.93 17.28 -1.02
N ASP B 454 -25.97 16.56 -2.13
CA ASP B 454 -25.98 17.17 -3.47
C ASP B 454 -27.39 17.67 -3.86
N GLU B 455 -27.53 18.10 -5.12
CA GLU B 455 -28.82 18.69 -5.57
C GLU B 455 -30.02 17.69 -5.58
N HIS B 456 -29.71 16.37 -5.46
CA HIS B 456 -30.70 15.34 -5.31
C HIS B 456 -30.88 14.85 -3.88
N GLY B 457 -30.15 15.44 -2.96
CA GLY B 457 -30.27 15.09 -1.55
C GLY B 457 -29.42 13.88 -1.18
N LEU B 458 -28.49 13.52 -2.06
CA LEU B 458 -27.60 12.33 -1.93
C LEU B 458 -26.23 12.79 -1.45
N THR B 459 -25.71 12.10 -0.43
CA THR B 459 -24.44 12.49 0.22
C THR B 459 -23.26 12.25 -0.69
N LYS B 460 -22.42 13.27 -0.82
CA LYS B 460 -21.12 13.08 -1.49
C LYS B 460 -20.05 13.67 -0.58
N PRO B 461 -18.79 13.25 -0.78
CA PRO B 461 -17.78 13.87 0.03
C PRO B 461 -17.58 15.35 -0.40
N LYS B 462 -17.24 16.20 0.55
CA LYS B 462 -16.97 17.61 0.24
C LYS B 462 -15.71 18.00 1.02
N ALA B 463 -14.74 18.57 0.36
CA ALA B 463 -13.45 18.85 1.02
C ALA B 463 -13.32 20.38 1.38
N TYR B 464 -12.88 20.63 2.61
CA TYR B 464 -12.54 22.01 3.11
C TYR B 464 -11.02 22.03 3.26
N VAL B 465 -10.37 22.89 2.48
CA VAL B 465 -8.88 22.92 2.37
C VAL B 465 -8.35 24.25 2.80
N VAL B 466 -7.41 24.23 3.77
CA VAL B 466 -6.54 25.40 4.05
C VAL B 466 -5.30 25.36 3.13
N PRO B 467 -5.17 26.37 2.26
CA PRO B 467 -4.03 26.45 1.35
C PRO B 467 -2.77 26.93 2.05
N ARG B 468 -1.61 26.49 1.58
CA ARG B 468 -0.33 26.87 2.18
C ARG B 468 0.03 28.31 1.82
N PRO B 469 0.22 29.14 2.84
CA PRO B 469 0.59 30.55 2.63
C PRO B 469 1.93 30.69 1.95
N GLY B 470 2.36 29.66 1.24
CA GLY B 470 3.63 29.67 0.53
C GLY B 470 3.48 29.51 -0.96
N GLN B 471 2.26 29.68 -1.45
CA GLN B 471 1.97 29.54 -2.87
C GLN B 471 0.47 29.43 -3.13
N THR B 472 0.09 29.42 -4.40
CA THR B 472 -1.30 29.32 -4.79
C THR B 472 -1.67 27.90 -5.18
N LEU B 473 -2.96 27.58 -5.16
CA LEU B 473 -3.44 26.26 -5.51
C LEU B 473 -4.75 26.33 -6.29
N SER B 474 -4.86 25.52 -7.34
CA SER B 474 -6.07 25.49 -8.16
C SER B 474 -6.93 24.27 -7.83
N GLU B 475 -8.25 24.41 -8.03
CA GLU B 475 -9.16 23.27 -7.79
C GLU B 475 -8.91 22.12 -8.77
N THR B 476 -8.81 22.43 -10.07
CA THR B 476 -8.50 21.44 -11.10
C THR B 476 -7.10 20.83 -10.86
N GLU B 477 -6.12 21.71 -10.66
CA GLU B 477 -4.77 21.34 -10.17
C GLU B 477 -4.87 20.93 -8.71
N LEU B 478 -5.97 20.22 -8.38
CA LEU B 478 -6.11 19.26 -7.23
C LEU B 478 -6.79 17.96 -7.75
N LYS B 479 -7.68 18.10 -8.76
CA LYS B 479 -8.41 16.97 -9.29
C LYS B 479 -7.52 16.04 -10.12
N THR B 480 -6.50 16.64 -10.78
CA THR B 480 -5.51 15.86 -11.59
C THR B 480 -4.73 14.96 -10.65
N PHE B 481 -4.29 15.58 -9.55
CA PHE B 481 -3.61 14.88 -8.44
C PHE B 481 -4.46 13.69 -7.91
N ILE B 482 -5.73 13.98 -7.65
CA ILE B 482 -6.68 13.01 -7.08
C ILE B 482 -6.90 11.86 -8.03
N LYS B 483 -6.95 12.19 -9.33
CA LYS B 483 -7.50 11.35 -10.39
C LYS B 483 -7.19 9.85 -10.19
N ASP B 484 -5.90 9.50 -10.11
CA ASP B 484 -5.49 8.09 -10.02
C ASP B 484 -5.20 7.63 -8.59
N ARG B 485 -5.16 8.59 -7.65
CA ARG B 485 -4.87 8.27 -6.25
C ARG B 485 -6.13 7.68 -5.54
N LEU B 486 -7.32 8.12 -5.98
CA LEU B 486 -8.63 7.61 -5.48
C LEU B 486 -9.60 7.09 -6.58
N ALA B 487 -10.45 6.10 -6.25
CA ALA B 487 -11.52 5.70 -7.14
C ALA B 487 -12.46 6.93 -7.31
N PRO B 488 -12.88 7.25 -8.55
CA PRO B 488 -13.85 8.35 -8.77
C PRO B 488 -14.99 8.53 -7.78
N TYR B 489 -15.50 7.45 -7.12
CA TYR B 489 -16.60 7.62 -6.12
C TYR B 489 -16.06 8.23 -4.81
N LYS B 490 -14.73 8.18 -4.66
CA LYS B 490 -14.02 8.85 -3.54
C LYS B 490 -13.67 10.35 -3.82
N TYR B 491 -13.97 10.86 -5.02
CA TYR B 491 -13.65 12.26 -5.31
C TYR B 491 -14.53 13.13 -4.45
N PRO B 492 -13.95 14.16 -3.76
CA PRO B 492 -14.86 15.26 -3.34
C PRO B 492 -15.63 15.86 -4.51
N ARG B 493 -16.93 16.12 -4.35
CA ARG B 493 -17.80 16.73 -5.36
C ARG B 493 -17.48 18.22 -5.52
N SER B 494 -17.01 18.86 -4.44
CA SER B 494 -16.41 20.20 -4.52
C SER B 494 -15.41 20.33 -3.43
N THR B 495 -14.61 21.38 -3.55
CA THR B 495 -13.65 21.75 -2.53
C THR B 495 -13.86 23.21 -2.19
N VAL B 496 -13.89 23.51 -0.90
CA VAL B 496 -13.96 24.90 -0.47
C VAL B 496 -12.61 25.24 0.17
N PHE B 497 -11.95 26.28 -0.37
CA PHE B 497 -10.72 26.84 0.18
C PHE B 497 -11.02 27.87 1.27
N VAL B 498 -10.53 27.61 2.51
CA VAL B 498 -10.82 28.48 3.68
C VAL B 498 -9.52 28.90 4.40
N ALA B 499 -9.65 29.92 5.26
CA ALA B 499 -8.47 30.48 5.96
C ALA B 499 -8.11 29.55 7.09
N GLU B 500 -9.13 29.06 7.82
CA GLU B 500 -8.91 28.14 8.92
C GLU B 500 -10.10 27.19 9.12
N LEU B 501 -9.82 26.03 9.70
CA LEU B 501 -10.86 25.03 9.97
C LEU B 501 -11.27 25.23 11.40
N PRO B 502 -12.57 25.09 11.71
CA PRO B 502 -13.04 25.24 13.12
C PRO B 502 -12.53 24.04 13.98
N LYS B 503 -12.06 24.30 15.20
CA LYS B 503 -11.42 23.27 16.04
C LYS B 503 -11.80 23.41 17.50
N THR B 504 -11.88 22.29 18.23
CA THR B 504 -12.04 22.29 19.71
C THR B 504 -10.78 22.85 20.36
N ALA B 505 -10.76 22.96 21.70
CA ALA B 505 -9.54 23.46 22.40
C ALA B 505 -8.35 22.51 22.25
N THR B 506 -8.62 21.24 21.90
CA THR B 506 -7.54 20.27 21.66
C THR B 506 -6.97 20.28 20.24
N GLY B 507 -7.54 21.10 19.36
CA GLY B 507 -7.13 21.15 17.99
C GLY B 507 -7.86 20.13 17.10
N LYS B 508 -8.87 19.44 17.67
CA LYS B 508 -9.73 18.55 16.86
C LYS B 508 -10.62 19.36 15.91
N ILE B 509 -10.74 18.86 14.67
CA ILE B 509 -11.65 19.46 13.71
C ILE B 509 -13.10 19.21 14.10
N GLN B 510 -13.85 20.31 14.19
CA GLN B 510 -15.28 20.25 14.42
C GLN B 510 -15.94 20.04 13.06
N ARG B 511 -15.90 18.79 12.63
CA ARG B 511 -16.47 18.41 11.36
C ARG B 511 -17.99 18.68 11.25
N PHE B 512 -18.70 18.55 12.35
CA PHE B 512 -20.12 18.74 12.35
C PHE B 512 -20.43 20.16 11.90
N LYS B 513 -19.56 21.13 12.20
CA LYS B 513 -19.75 22.51 11.73
C LYS B 513 -19.63 22.65 10.22
N LEU B 514 -18.63 21.94 9.66
CA LEU B 514 -18.39 21.98 8.24
C LEU B 514 -19.61 21.38 7.57
N ARG B 515 -20.06 20.27 8.14
CA ARG B 515 -21.15 19.51 7.56
C ARG B 515 -22.41 20.38 7.68
N GLU B 516 -22.59 21.01 8.83
CA GLU B 516 -23.75 21.98 8.97
C GLU B 516 -23.71 23.24 8.08
N GLY B 517 -22.61 23.49 7.39
CA GLY B 517 -22.52 24.55 6.37
C GLY B 517 -22.02 25.91 6.85
N VAL B 518 -21.37 25.97 8.01
CA VAL B 518 -20.92 27.25 8.58
C VAL B 518 -19.93 27.99 7.68
N LEU B 519 -19.11 27.25 6.91
CA LEU B 519 -18.17 27.87 5.97
C LEU B 519 -18.62 27.73 4.51
N GLY B 520 -19.88 27.41 4.29
CA GLY B 520 -20.36 27.18 2.93
C GLY B 520 -20.00 25.75 2.49
#